data_3S5W
#
_entry.id   3S5W
#
_cell.length_a   130.943
_cell.length_b   130.943
_cell.length_c   318.521
_cell.angle_alpha   90.00
_cell.angle_beta   90.00
_cell.angle_gamma   90.00
#
_symmetry.space_group_name_H-M   'I 41 2 2'
#
loop_
_entity.id
_entity.type
_entity.pdbx_description
1 polymer 'L-ornithine 5-monooxygenase'
2 non-polymer 'FLAVIN-ADENINE DINUCLEOTIDE'
3 non-polymer 'PHOSPHATE ION'
4 non-polymer N~5~-hydroxy-L-ornithine
5 non-polymer 'NADP NICOTINAMIDE-ADENINE-DINUCLEOTIDE PHOSPHATE'
6 water water
#
_entity_poly.entity_id   1
_entity_poly.type   'polypeptide(L)'
_entity_poly.pdbx_seq_one_letter_code
;MGSSHHHHHHSSGLVPRGSHMTQATATAVVHDLIGVGFGPSNIALAIALQERAQAQGALEVLFLDKQGDYRWHGNTLVSQ
SELQISFLKDLVSLRNPTSPYSFVNYLHKHDRLVDFINLGTFYPCRMEFNDYLRWVASHFQEQSRYGEEVLRIEPMLSAG
QVEALRVISRNADGEELVRTTRALVVSPGGTPRIPQVFRALKGDGRVFHHSQYLEHMAKQPCSSGKPMKIAIIGGGQSAA
EAFIDLNDSYPSVQADMILRASALKPADDSPFVNEVFAPKFTDLIYSREHAERERLLREYHNTNYSVVDTDLIERIYGVF
YRQKVSGIPRHAFRCMTTVERATATAQGIELALRDAGSGELSVETYDAVILATGYERQLHRQLLEPLAEYLGDHEIGRDY
RLQTDERCKVAIYAQGFSQASHGLSDTLLSVLPVRAEEISGSLYQHLKPGTAARALHEHALAS
;
_entity_poly.pdbx_strand_id   A,B
#
loop_
_chem_comp.id
_chem_comp.type
_chem_comp.name
_chem_comp.formula
FAD non-polymer 'FLAVIN-ADENINE DINUCLEOTIDE' 'C27 H33 N9 O15 P2'
NAP non-polymer 'NADP NICOTINAMIDE-ADENINE-DINUCLEOTIDE PHOSPHATE' 'C21 H28 N7 O17 P3'
PO4 non-polymer 'PHOSPHATE ION' 'O4 P -3'
#
# COMPACT_ATOMS: atom_id res chain seq x y z
N VAL A 29 -6.72 53.01 5.37
CA VAL A 29 -5.93 52.70 4.14
C VAL A 29 -4.92 51.56 4.33
N VAL A 30 -4.26 51.47 5.49
CA VAL A 30 -3.18 50.45 5.68
C VAL A 30 -3.63 49.20 6.48
N HIS A 31 -3.70 48.06 5.78
CA HIS A 31 -4.18 46.82 6.43
C HIS A 31 -3.07 46.16 7.21
N ASP A 32 -3.46 45.38 8.21
CA ASP A 32 -2.50 44.57 8.95
C ASP A 32 -2.13 43.30 8.16
N LEU A 33 -3.12 42.70 7.51
CA LEU A 33 -2.93 41.47 6.74
C LEU A 33 -3.82 41.46 5.53
N ILE A 34 -3.24 41.11 4.39
CA ILE A 34 -4.04 40.73 3.25
C ILE A 34 -3.69 39.29 2.88
N GLY A 35 -4.71 38.50 2.54
CA GLY A 35 -4.53 37.14 2.08
C GLY A 35 -4.90 36.97 0.63
N VAL A 36 -4.08 36.20 -0.08
CA VAL A 36 -4.40 35.79 -1.42
C VAL A 36 -5.13 34.46 -1.30
N GLY A 37 -6.42 34.47 -1.64
CA GLY A 37 -7.32 33.30 -1.54
C GLY A 37 -8.13 33.30 -0.26
N PHE A 38 -9.34 32.75 -0.35
CA PHE A 38 -10.14 32.51 0.83
C PHE A 38 -10.70 31.09 0.77
N GLY A 39 -9.82 30.15 0.45
CA GLY A 39 -10.15 28.72 0.60
C GLY A 39 -9.91 28.27 2.05
N PRO A 40 -9.98 26.94 2.30
CA PRO A 40 -9.81 26.42 3.65
C PRO A 40 -8.61 26.96 4.42
N SER A 41 -7.46 27.12 3.77
CA SER A 41 -6.28 27.60 4.50
C SER A 41 -6.54 28.98 5.14
N ASN A 42 -7.06 29.91 4.34
CA ASN A 42 -7.25 31.25 4.85
C ASN A 42 -8.53 31.42 5.64
N ILE A 43 -9.54 30.60 5.38
CA ILE A 43 -10.74 30.59 6.24
C ILE A 43 -10.30 30.12 7.65
N ALA A 44 -9.54 29.03 7.73
CA ALA A 44 -9.05 28.56 9.03
C ALA A 44 -8.23 29.65 9.75
N LEU A 45 -7.41 30.34 8.98
CA LEU A 45 -6.65 31.47 9.50
C LEU A 45 -7.55 32.63 10.04
N ALA A 46 -8.59 33.00 9.31
CA ALA A 46 -9.54 34.04 9.76
C ALA A 46 -10.18 33.66 11.11
N ILE A 47 -10.52 32.38 11.24
CA ILE A 47 -11.05 31.87 12.52
C ILE A 47 -10.02 32.02 13.65
N ALA A 48 -8.79 31.60 13.38
CA ALA A 48 -7.77 31.64 14.44
C ALA A 48 -7.45 33.10 14.84
N LEU A 49 -7.46 33.99 13.85
CA LEU A 49 -7.29 35.45 14.10
C LEU A 49 -8.41 35.99 14.97
N GLN A 50 -9.65 35.62 14.66
CA GLN A 50 -10.82 36.00 15.45
C GLN A 50 -10.76 35.51 16.92
N GLU A 51 -10.23 34.29 17.14
CA GLU A 51 -10.03 33.77 18.52
C GLU A 51 -9.03 34.56 19.33
N ARG A 52 -8.01 35.08 18.67
CA ARG A 52 -6.95 35.85 19.32
C ARG A 52 -7.33 37.32 19.59
N ALA A 53 -8.35 37.81 18.88
CA ALA A 53 -8.72 39.23 18.86
C ALA A 53 -9.06 39.81 20.24
N GLN A 54 -9.86 39.11 21.04
CA GLN A 54 -10.21 39.63 22.38
C GLN A 54 -8.98 39.86 23.25
N ALA A 55 -8.11 38.85 23.37
CA ALA A 55 -6.93 38.98 24.22
C ALA A 55 -5.81 39.82 23.63
N GLN A 56 -5.68 39.87 22.30
CA GLN A 56 -4.53 40.54 21.65
C GLN A 56 -4.88 41.72 20.73
N GLY A 57 -6.17 42.06 20.63
CA GLY A 57 -6.65 43.15 19.77
C GLY A 57 -7.03 42.71 18.36
N ALA A 58 -8.17 43.17 17.85
CA ALA A 58 -8.60 42.85 16.49
C ALA A 58 -7.65 43.48 15.49
N LEU A 59 -7.29 42.73 14.45
CA LEU A 59 -6.44 43.26 13.37
C LEU A 59 -7.30 43.71 12.20
N GLU A 60 -6.71 44.52 11.32
CA GLU A 60 -7.39 44.97 10.10
C GLU A 60 -7.03 44.02 8.95
N VAL A 61 -7.96 43.13 8.59
CA VAL A 61 -7.64 41.99 7.71
C VAL A 61 -8.58 41.87 6.50
N LEU A 62 -8.01 41.55 5.34
CA LEU A 62 -8.78 41.20 4.13
C LEU A 62 -8.29 39.91 3.49
N PHE A 63 -9.23 39.11 3.01
CA PHE A 63 -8.86 37.94 2.19
C PHE A 63 -9.53 38.08 0.86
N LEU A 64 -8.73 38.07 -0.21
CA LEU A 64 -9.25 38.25 -1.57
C LEU A 64 -9.34 36.93 -2.31
N ASP A 65 -10.48 36.65 -2.92
CA ASP A 65 -10.61 35.44 -3.69
C ASP A 65 -11.16 35.74 -5.06
N LYS A 66 -10.52 35.18 -6.06
CA LYS A 66 -10.90 35.38 -7.44
C LYS A 66 -12.29 34.83 -7.80
N GLN A 67 -12.79 33.87 -7.04
CA GLN A 67 -14.13 33.31 -7.36
C GLN A 67 -15.21 34.33 -6.99
N GLY A 68 -16.16 34.54 -7.92
CA GLY A 68 -17.27 35.48 -7.69
C GLY A 68 -18.27 34.90 -6.71
N ASP A 69 -18.44 33.58 -6.80
CA ASP A 69 -19.34 32.85 -5.94
C ASP A 69 -18.53 31.64 -5.48
N TYR A 70 -18.09 31.64 -4.21
CA TYR A 70 -17.11 30.64 -3.73
C TYR A 70 -17.62 29.20 -3.73
N ARG A 71 -16.85 28.32 -4.37
CA ARG A 71 -17.05 26.87 -4.23
C ARG A 71 -15.69 26.22 -4.00
N TRP A 72 -15.70 25.13 -3.24
CA TRP A 72 -14.48 24.38 -2.93
C TRP A 72 -14.28 23.37 -4.05
N HIS A 73 -13.41 23.69 -5.01
CA HIS A 73 -13.17 22.89 -6.23
C HIS A 73 -14.48 22.51 -6.88
N GLY A 74 -15.28 23.53 -7.17
CA GLY A 74 -16.70 23.30 -7.45
C GLY A 74 -16.93 22.50 -8.71
N ASN A 75 -16.02 22.62 -9.67
CA ASN A 75 -16.17 21.85 -10.92
C ASN A 75 -15.76 20.37 -10.81
N THR A 76 -15.37 19.95 -9.60
CA THR A 76 -15.07 18.52 -9.35
C THR A 76 -16.14 17.85 -8.49
N LEU A 77 -17.20 18.60 -8.14
CA LEU A 77 -18.18 18.09 -7.16
C LEU A 77 -19.21 17.18 -7.83
N VAL A 78 -18.73 16.03 -8.31
CA VAL A 78 -19.61 15.07 -8.96
C VAL A 78 -20.37 14.31 -7.88
N SER A 79 -21.43 13.63 -8.32
CA SER A 79 -22.32 12.90 -7.41
C SER A 79 -21.53 11.91 -6.51
N GLN A 80 -20.62 11.13 -7.08
CA GLN A 80 -19.70 10.28 -6.26
C GLN A 80 -18.36 10.99 -6.00
N SER A 81 -18.34 11.76 -4.92
CA SER A 81 -17.12 12.43 -4.49
C SER A 81 -17.17 12.54 -2.97
N GLU A 82 -16.64 11.50 -2.33
CA GLU A 82 -16.54 11.41 -0.89
C GLU A 82 -15.29 12.15 -0.39
N LEU A 83 -15.41 12.84 0.73
CA LEU A 83 -14.29 13.47 1.39
C LEU A 83 -13.25 12.41 1.74
N GLN A 84 -11.97 12.67 1.56
CA GLN A 84 -10.97 11.63 1.82
C GLN A 84 -10.24 11.86 3.13
N ILE A 85 -10.96 12.46 4.07
CA ILE A 85 -10.42 12.76 5.40
C ILE A 85 -11.60 12.74 6.37
N SER A 86 -11.37 12.39 7.65
CA SER A 86 -12.47 12.42 8.66
C SER A 86 -13.04 13.84 8.80
N PHE A 87 -14.35 13.93 8.99
CA PHE A 87 -14.99 15.23 9.24
C PHE A 87 -14.45 15.91 10.51
N LEU A 88 -13.83 15.16 11.41
CA LEU A 88 -13.23 15.74 12.60
C LEU A 88 -11.95 16.57 12.28
N LYS A 89 -11.43 16.42 11.07
CA LYS A 89 -10.30 17.26 10.60
C LYS A 89 -10.89 18.46 9.82
N ASP A 90 -11.91 19.06 10.40
CA ASP A 90 -12.56 20.25 9.88
C ASP A 90 -11.67 21.49 10.13
N LEU A 91 -12.18 22.70 9.95
CA LEU A 91 -11.32 23.90 10.04
C LEU A 91 -10.79 24.26 11.46
N VAL A 92 -11.32 23.63 12.51
CA VAL A 92 -11.09 24.09 13.89
C VAL A 92 -10.76 23.03 14.93
N SER A 93 -11.36 21.84 14.78
CA SER A 93 -11.48 20.91 15.89
C SER A 93 -10.17 20.41 16.48
N LEU A 94 -9.14 20.21 15.65
CA LEU A 94 -7.83 19.79 16.21
C LEU A 94 -7.24 20.81 17.18
N ARG A 95 -7.65 22.08 17.02
CA ARG A 95 -7.23 23.15 17.93
C ARG A 95 -8.26 23.40 19.03
N ASN A 96 -9.53 23.51 18.61
CA ASN A 96 -10.61 24.01 19.46
C ASN A 96 -11.96 23.39 19.13
N PRO A 97 -12.28 22.20 19.73
CA PRO A 97 -13.56 21.55 19.47
C PRO A 97 -14.76 22.35 19.90
N THR A 98 -14.55 23.34 20.78
CA THR A 98 -15.67 24.19 21.24
C THR A 98 -15.96 25.36 20.26
N SER A 99 -15.18 25.49 19.20
CA SER A 99 -15.46 26.54 18.20
C SER A 99 -16.85 26.40 17.59
N PRO A 100 -17.54 27.53 17.35
CA PRO A 100 -18.83 27.44 16.67
C PRO A 100 -18.69 27.04 15.19
N TYR A 101 -17.45 26.95 14.70
CA TYR A 101 -17.23 26.60 13.29
C TYR A 101 -16.87 25.13 13.06
N SER A 102 -17.06 24.27 14.06
CA SER A 102 -16.81 22.83 13.87
C SER A 102 -17.85 22.26 12.88
N PHE A 103 -17.47 21.17 12.22
CA PHE A 103 -18.43 20.52 11.36
C PHE A 103 -19.65 20.04 12.18
N VAL A 104 -19.42 19.61 13.42
CA VAL A 104 -20.56 19.15 14.24
C VAL A 104 -21.52 20.33 14.52
N ASN A 105 -20.97 21.49 14.81
CA ASN A 105 -21.84 22.65 15.06
C ASN A 105 -22.59 23.08 13.82
N TYR A 106 -21.90 23.02 12.67
CA TYR A 106 -22.49 23.27 11.39
C TYR A 106 -23.74 22.39 11.17
N LEU A 107 -23.60 21.09 11.44
CA LEU A 107 -24.74 20.16 11.31
C LEU A 107 -25.89 20.53 12.26
N HIS A 108 -25.54 20.86 13.49
CA HIS A 108 -26.53 21.20 14.49
C HIS A 108 -27.29 22.48 14.10
N LYS A 109 -26.56 23.47 13.62
CA LYS A 109 -27.16 24.72 13.11
C LYS A 109 -28.07 24.52 11.90
N HIS A 110 -27.85 23.45 11.13
CA HIS A 110 -28.74 23.11 10.01
C HIS A 110 -29.80 22.05 10.35
N ASP A 111 -29.93 21.74 11.64
CA ASP A 111 -30.97 20.83 12.15
C ASP A 111 -30.79 19.43 11.57
N ARG A 112 -29.53 19.04 11.41
CA ARG A 112 -29.20 17.84 10.66
C ARG A 112 -28.26 16.90 11.41
N LEU A 113 -27.96 17.20 12.68
CA LEU A 113 -26.93 16.45 13.38
C LEU A 113 -27.44 14.99 13.60
N VAL A 114 -28.71 14.84 14.00
CA VAL A 114 -29.21 13.49 14.28
C VAL A 114 -29.26 12.65 12.99
N ASP A 115 -29.74 13.26 11.92
CA ASP A 115 -29.73 12.59 10.60
C ASP A 115 -28.31 12.15 10.20
N PHE A 116 -27.33 13.02 10.38
CA PHE A 116 -25.92 12.69 10.03
C PHE A 116 -25.46 11.51 10.88
N ILE A 117 -25.80 11.53 12.15
CA ILE A 117 -25.42 10.44 13.03
C ILE A 117 -25.95 9.09 12.52
N ASN A 118 -27.22 9.05 12.11
CA ASN A 118 -27.85 7.83 11.56
C ASN A 118 -27.09 7.24 10.35
N LEU A 119 -26.44 8.11 9.55
CA LEU A 119 -25.55 7.69 8.46
C LEU A 119 -24.34 6.85 8.86
N GLY A 120 -23.73 7.18 10.01
CA GLY A 120 -22.64 6.40 10.53
C GLY A 120 -21.41 6.44 9.62
N THR A 121 -21.14 7.60 9.00
CA THR A 121 -19.90 7.78 8.22
C THR A 121 -19.01 8.91 8.77
N PHE A 122 -17.70 8.70 8.79
CA PHE A 122 -16.77 9.82 9.03
C PHE A 122 -16.52 10.69 7.80
N TYR A 123 -17.03 10.24 6.66
CA TYR A 123 -16.71 10.87 5.37
C TYR A 123 -17.93 11.49 4.69
N PRO A 124 -18.26 12.77 5.01
CA PRO A 124 -19.35 13.39 4.25
C PRO A 124 -18.98 13.51 2.78
N CYS A 125 -19.98 13.70 1.92
CA CYS A 125 -19.74 13.98 0.53
C CYS A 125 -19.01 15.34 0.43
N ARG A 126 -18.18 15.50 -0.60
CA ARG A 126 -17.49 16.79 -0.79
C ARG A 126 -18.49 17.95 -1.02
N MET A 127 -19.66 17.65 -1.57
CA MET A 127 -20.70 18.69 -1.73
C MET A 127 -21.15 19.21 -0.36
N GLU A 128 -21.25 18.32 0.63
CA GLU A 128 -21.61 18.79 1.99
C GLU A 128 -20.46 19.55 2.61
N PHE A 129 -19.22 19.11 2.40
CA PHE A 129 -18.12 19.87 2.97
C PHE A 129 -18.01 21.26 2.32
N ASN A 130 -18.33 21.35 1.02
CA ASN A 130 -18.42 22.63 0.30
C ASN A 130 -19.44 23.57 0.97
N ASP A 131 -20.62 23.03 1.29
CA ASP A 131 -21.65 23.81 1.98
C ASP A 131 -21.18 24.27 3.35
N TYR A 132 -20.45 23.40 4.07
CA TYR A 132 -19.85 23.71 5.36
C TYR A 132 -18.85 24.89 5.24
N LEU A 133 -17.96 24.81 4.25
CA LEU A 133 -16.97 25.86 4.04
C LEU A 133 -17.64 27.21 3.73
N ARG A 134 -18.65 27.17 2.86
CA ARG A 134 -19.41 28.40 2.50
C ARG A 134 -20.10 28.95 3.74
N TRP A 135 -20.66 28.07 4.56
CA TRP A 135 -21.33 28.50 5.78
C TRP A 135 -20.33 29.17 6.74
N VAL A 136 -19.17 28.55 6.94
CA VAL A 136 -18.16 29.15 7.83
C VAL A 136 -17.72 30.53 7.26
N ALA A 137 -17.37 30.57 5.97
CA ALA A 137 -16.86 31.78 5.30
C ALA A 137 -17.86 32.95 5.39
N SER A 138 -19.16 32.66 5.33
CA SER A 138 -20.23 33.65 5.46
C SER A 138 -20.25 34.37 6.82
N HIS A 139 -19.44 33.91 7.79
CA HIS A 139 -19.25 34.66 9.06
C HIS A 139 -18.13 35.68 8.99
N PHE A 140 -17.49 35.79 7.82
CA PHE A 140 -16.29 36.66 7.66
C PHE A 140 -16.45 37.65 6.51
N GLN A 141 -17.71 38.02 6.25
CA GLN A 141 -18.09 38.92 5.17
C GLN A 141 -17.39 40.28 5.24
N GLU A 142 -17.11 40.77 6.45
CA GLU A 142 -16.38 42.03 6.60
C GLU A 142 -14.93 41.93 6.18
N GLN A 143 -14.39 40.71 6.21
CA GLN A 143 -13.01 40.46 5.85
C GLN A 143 -12.80 39.89 4.46
N SER A 144 -13.82 39.34 3.84
CA SER A 144 -13.61 38.71 2.55
C SER A 144 -13.94 39.66 1.39
N ARG A 145 -13.22 39.53 0.29
CA ARG A 145 -13.56 40.21 -0.96
C ARG A 145 -13.56 39.19 -2.06
N TYR A 146 -14.75 38.79 -2.50
CA TYR A 146 -14.88 37.88 -3.65
C TYR A 146 -14.84 38.57 -5.00
N GLY A 147 -14.58 37.79 -6.05
CA GLY A 147 -14.41 38.30 -7.41
C GLY A 147 -13.18 39.19 -7.62
N GLU A 148 -12.13 38.98 -6.85
CA GLU A 148 -10.90 39.77 -6.95
C GLU A 148 -9.71 38.85 -7.10
N GLU A 149 -9.06 38.93 -8.27
CA GLU A 149 -7.84 38.17 -8.55
C GLU A 149 -6.64 39.04 -8.23
N VAL A 150 -5.77 38.56 -7.32
CA VAL A 150 -4.53 39.26 -7.03
C VAL A 150 -3.57 39.00 -8.19
N LEU A 151 -3.05 40.09 -8.76
CA LEU A 151 -2.14 39.95 -9.91
C LEU A 151 -0.65 39.96 -9.53
N ARG A 152 -0.29 40.81 -8.57
CA ARG A 152 1.11 40.93 -8.14
C ARG A 152 1.23 41.69 -6.83
N ILE A 153 2.37 41.50 -6.17
CA ILE A 153 2.66 42.16 -4.91
C ILE A 153 3.92 42.95 -5.14
N GLU A 154 3.89 44.23 -4.79
CA GLU A 154 5.03 45.14 -4.95
C GLU A 154 5.50 45.72 -3.60
N PRO A 155 6.82 45.94 -3.47
CA PRO A 155 7.38 46.54 -2.26
C PRO A 155 7.10 48.04 -2.16
N MET A 156 6.67 48.50 -0.99
CA MET A 156 6.60 49.94 -0.72
C MET A 156 7.84 50.40 0.03
N LEU A 157 8.76 51.02 -0.71
CA LEU A 157 10.04 51.53 -0.18
C LEU A 157 9.85 52.85 0.57
N SER A 158 10.48 52.94 1.75
CA SER A 158 10.51 54.17 2.54
C SER A 158 11.86 54.26 3.28
N ALA A 159 12.79 55.03 2.71
CA ALA A 159 14.18 55.13 3.18
C ALA A 159 14.99 53.84 2.97
N GLY A 160 14.83 53.20 1.81
CA GLY A 160 15.58 51.97 1.49
C GLY A 160 15.01 50.68 2.07
N GLN A 161 14.01 50.80 2.96
CA GLN A 161 13.38 49.65 3.64
C GLN A 161 11.94 49.38 3.12
N VAL A 162 11.61 48.09 2.96
CA VAL A 162 10.25 47.67 2.60
C VAL A 162 9.36 47.72 3.84
N GLU A 163 8.59 48.80 3.98
CA GLU A 163 7.76 49.02 5.16
C GLU A 163 6.33 48.53 4.99
N ALA A 164 5.94 48.28 3.74
CA ALA A 164 4.59 47.82 3.43
C ALA A 164 4.58 47.19 2.04
N LEU A 165 3.48 46.53 1.71
CA LEU A 165 3.36 45.89 0.43
C LEU A 165 2.16 46.43 -0.29
N ARG A 166 2.30 46.57 -1.60
CA ARG A 166 1.20 46.99 -2.45
C ARG A 166 0.61 45.73 -3.06
N VAL A 167 -0.68 45.50 -2.84
CA VAL A 167 -1.36 44.35 -3.40
C VAL A 167 -2.23 44.84 -4.55
N ILE A 168 -1.94 44.36 -5.75
CA ILE A 168 -2.64 44.77 -6.95
C ILE A 168 -3.63 43.68 -7.36
N SER A 169 -4.90 44.02 -7.43
CA SER A 169 -5.92 43.06 -7.83
C SER A 169 -6.82 43.61 -8.95
N ARG A 170 -7.56 42.72 -9.60
CA ARG A 170 -8.48 43.07 -10.64
C ARG A 170 -9.83 42.47 -10.24
N ASN A 171 -10.91 43.25 -10.32
CA ASN A 171 -12.23 42.67 -10.07
C ASN A 171 -12.86 42.08 -11.34
N ALA A 172 -14.06 41.53 -11.20
CA ALA A 172 -14.69 40.78 -12.29
C ALA A 172 -15.08 41.72 -13.46
N ASP A 173 -15.44 42.97 -13.12
CA ASP A 173 -15.66 44.02 -14.13
C ASP A 173 -14.39 44.51 -14.85
N GLY A 174 -13.20 44.07 -14.39
CA GLY A 174 -11.92 44.43 -15.00
C GLY A 174 -11.24 45.68 -14.42
N GLU A 175 -11.76 46.20 -13.31
CA GLU A 175 -11.19 47.33 -12.60
C GLU A 175 -10.01 46.89 -11.78
N GLU A 176 -8.96 47.70 -11.75
CA GLU A 176 -7.79 47.43 -10.93
C GLU A 176 -7.99 48.04 -9.54
N LEU A 177 -7.53 47.33 -8.53
CA LEU A 177 -7.53 47.81 -7.16
C LEU A 177 -6.13 47.71 -6.58
N VAL A 178 -5.73 48.73 -5.83
CA VAL A 178 -4.41 48.74 -5.19
C VAL A 178 -4.65 48.97 -3.70
N ARG A 179 -4.12 48.06 -2.88
CA ARG A 179 -4.26 48.17 -1.43
C ARG A 179 -2.89 48.03 -0.77
N THR A 180 -2.79 48.54 0.44
CA THR A 180 -1.55 48.55 1.15
C THR A 180 -1.65 47.71 2.42
N THR A 181 -0.60 46.95 2.74
CA THR A 181 -0.61 46.04 3.89
C THR A 181 0.76 45.87 4.57
N ARG A 182 0.75 45.69 5.89
CA ARG A 182 1.95 45.36 6.68
C ARG A 182 2.42 43.88 6.52
N ALA A 183 1.51 43.00 6.12
CA ALA A 183 1.79 41.56 6.06
C ALA A 183 0.89 40.89 5.02
N LEU A 184 1.37 39.77 4.49
CA LEU A 184 0.71 39.05 3.41
C LEU A 184 0.68 37.56 3.72
N VAL A 185 -0.45 36.91 3.40
CA VAL A 185 -0.49 35.44 3.46
C VAL A 185 -0.92 34.90 2.09
N VAL A 186 -0.08 34.07 1.48
CA VAL A 186 -0.30 33.59 0.12
C VAL A 186 -0.82 32.15 0.16
N SER A 187 -2.11 31.96 -0.14
CA SER A 187 -2.76 30.61 -0.08
C SER A 187 -3.62 30.33 -1.30
N PRO A 188 -3.02 30.35 -2.52
CA PRO A 188 -3.82 30.30 -3.74
C PRO A 188 -4.13 28.88 -4.27
N GLY A 189 -3.67 27.85 -3.57
CA GLY A 189 -3.93 26.48 -3.96
C GLY A 189 -2.98 26.06 -5.08
N GLY A 190 -3.21 24.88 -5.67
CA GLY A 190 -2.32 24.41 -6.73
C GLY A 190 -2.76 24.84 -8.13
N THR A 191 -1.90 24.61 -9.11
CA THR A 191 -2.25 24.84 -10.48
C THR A 191 -2.29 23.51 -11.22
N PRO A 192 -3.24 23.36 -12.14
CA PRO A 192 -3.43 22.11 -12.87
C PRO A 192 -2.12 21.67 -13.56
N ARG A 193 -1.72 20.41 -13.33
CA ARG A 193 -0.56 19.85 -14.02
C ARG A 193 -0.98 19.33 -15.40
N ILE A 194 -0.31 19.79 -16.45
CA ILE A 194 -0.64 19.40 -17.82
C ILE A 194 0.58 18.63 -18.38
N PRO A 195 0.41 17.33 -18.75
CA PRO A 195 1.56 16.65 -19.38
C PRO A 195 1.99 17.40 -20.66
N GLN A 196 3.28 17.41 -20.96
CA GLN A 196 3.77 18.27 -22.04
C GLN A 196 3.09 17.99 -23.37
N VAL A 197 2.84 16.73 -23.66
CA VAL A 197 2.19 16.33 -24.93
C VAL A 197 0.83 17.03 -25.17
N PHE A 198 0.19 17.49 -24.10
CA PHE A 198 -1.10 18.15 -24.27
C PHE A 198 -1.01 19.65 -24.31
N ARG A 199 0.18 20.22 -24.11
CA ARG A 199 0.32 21.70 -24.02
CA ARG A 199 0.25 21.69 -24.00
C ARG A 199 -0.06 22.43 -25.31
N ALA A 200 0.23 21.80 -26.44
CA ALA A 200 -0.11 22.33 -27.78
C ALA A 200 -1.61 22.40 -28.01
N LEU A 201 -2.37 21.67 -27.20
CA LEU A 201 -3.81 21.60 -27.37
C LEU A 201 -4.55 22.54 -26.41
N LYS A 202 -3.80 23.39 -25.71
CA LYS A 202 -4.39 24.44 -24.87
C LYS A 202 -5.34 25.23 -25.75
N GLY A 203 -6.56 25.45 -25.27
CA GLY A 203 -7.50 26.23 -26.08
C GLY A 203 -8.44 25.39 -26.90
N ASP A 204 -8.12 24.10 -27.07
CA ASP A 204 -9.04 23.17 -27.69
C ASP A 204 -9.98 22.66 -26.57
N GLY A 205 -11.26 23.01 -26.70
CA GLY A 205 -12.28 22.69 -25.68
C GLY A 205 -12.51 21.20 -25.42
N ARG A 206 -12.08 20.36 -26.36
CA ARG A 206 -12.16 18.88 -26.25
C ARG A 206 -11.15 18.27 -25.24
N VAL A 207 -10.17 19.05 -24.83
CA VAL A 207 -9.15 18.62 -23.88
C VAL A 207 -9.25 19.52 -22.65
N PHE A 208 -9.44 18.95 -21.49
CA PHE A 208 -9.58 19.75 -20.28
C PHE A 208 -9.12 19.02 -19.07
N HIS A 209 -8.63 19.78 -18.09
CA HIS A 209 -8.15 19.22 -16.83
C HIS A 209 -9.36 18.89 -15.94
N HIS A 210 -9.21 17.84 -15.13
CA HIS A 210 -10.29 17.37 -14.28
C HIS A 210 -10.85 18.51 -13.40
N SER A 211 -10.01 19.49 -13.02
CA SER A 211 -10.44 20.65 -12.23
C SER A 211 -11.59 21.43 -12.90
N GLN A 212 -11.78 21.26 -14.21
CA GLN A 212 -12.89 21.89 -14.95
C GLN A 212 -13.98 20.91 -15.42
N TYR A 213 -14.03 19.73 -14.79
CA TYR A 213 -14.84 18.63 -15.31
C TYR A 213 -16.32 19.02 -15.56
N LEU A 214 -16.96 19.57 -14.54
CA LEU A 214 -18.41 19.84 -14.60
C LEU A 214 -18.76 20.91 -15.63
N GLU A 215 -17.83 21.84 -15.81
CA GLU A 215 -17.98 22.93 -16.79
C GLU A 215 -18.03 22.41 -18.25
N HIS A 216 -17.21 21.40 -18.54
CA HIS A 216 -17.14 20.85 -19.90
C HIS A 216 -18.12 19.73 -20.13
N MET A 217 -18.46 18.99 -19.08
CA MET A 217 -19.42 17.91 -19.23
C MET A 217 -20.89 18.41 -19.30
N ALA A 218 -21.13 19.67 -18.89
CA ALA A 218 -22.51 20.22 -18.89
C ALA A 218 -23.09 20.44 -20.31
N LYS A 226 -26.28 9.64 -28.53
CA LYS A 226 -25.07 10.18 -29.15
C LYS A 226 -23.82 9.50 -28.61
N PRO A 227 -23.39 8.44 -29.29
CA PRO A 227 -22.18 7.67 -28.87
C PRO A 227 -20.86 8.48 -28.86
N MET A 228 -20.25 8.59 -27.67
CA MET A 228 -19.06 9.43 -27.45
C MET A 228 -17.93 8.58 -26.88
N LYS A 229 -16.70 8.89 -27.24
CA LYS A 229 -15.55 8.23 -26.66
C LYS A 229 -14.75 9.27 -25.89
N ILE A 230 -14.49 9.00 -24.62
CA ILE A 230 -13.72 9.93 -23.82
C ILE A 230 -12.52 9.24 -23.21
N ALA A 231 -11.35 9.87 -23.33
CA ALA A 231 -10.13 9.37 -22.66
C ALA A 231 -9.95 10.10 -21.33
N ILE A 232 -9.59 9.34 -20.30
CA ILE A 232 -9.20 9.91 -19.03
C ILE A 232 -7.73 9.58 -18.84
N ILE A 233 -6.89 10.63 -18.72
CA ILE A 233 -5.45 10.43 -18.44
C ILE A 233 -5.17 10.47 -16.92
N GLY A 234 -4.60 9.39 -16.38
CA GLY A 234 -4.20 9.34 -14.96
C GLY A 234 -4.81 8.13 -14.27
N GLY A 235 -4.36 7.89 -13.04
CA GLY A 235 -4.77 6.69 -12.30
C GLY A 235 -4.94 6.95 -10.82
N GLY A 236 -5.15 8.23 -10.45
CA GLY A 236 -5.34 8.59 -9.07
C GLY A 236 -6.82 8.78 -8.79
N GLN A 237 -7.09 9.36 -7.64
CA GLN A 237 -8.47 9.53 -7.16
C GLN A 237 -9.31 10.30 -8.16
N SER A 238 -8.75 11.37 -8.75
CA SER A 238 -9.52 12.19 -9.68
CA SER A 238 -9.52 12.20 -9.66
C SER A 238 -9.88 11.42 -10.93
N ALA A 239 -8.91 10.66 -11.48
CA ALA A 239 -9.20 9.79 -12.65
C ALA A 239 -10.30 8.77 -12.33
N ALA A 240 -10.21 8.14 -11.17
CA ALA A 240 -11.20 7.16 -10.71
C ALA A 240 -12.59 7.81 -10.55
N GLU A 241 -12.63 9.01 -9.99
CA GLU A 241 -13.95 9.69 -9.83
C GLU A 241 -14.53 10.09 -11.17
N ALA A 242 -13.69 10.62 -12.06
CA ALA A 242 -14.12 10.93 -13.43
C ALA A 242 -14.66 9.68 -14.14
N PHE A 243 -13.91 8.58 -14.04
CA PHE A 243 -14.40 7.36 -14.66
C PHE A 243 -15.76 6.92 -14.15
N ILE A 244 -15.94 6.92 -12.84
CA ILE A 244 -17.19 6.40 -12.26
C ILE A 244 -18.36 7.35 -12.63
N ASP A 245 -18.09 8.65 -12.60
CA ASP A 245 -19.12 9.57 -13.05
C ASP A 245 -19.55 9.33 -14.52
N LEU A 246 -18.60 9.20 -15.44
CA LEU A 246 -18.95 8.85 -16.82
C LEU A 246 -19.74 7.55 -16.87
N ASN A 247 -19.25 6.53 -16.18
CA ASN A 247 -19.93 5.23 -16.20
C ASN A 247 -21.39 5.33 -15.74
N ASP A 248 -21.57 6.05 -14.62
CA ASP A 248 -22.87 6.11 -13.94
C ASP A 248 -23.85 7.08 -14.60
N SER A 249 -23.36 8.19 -15.16
CA SER A 249 -24.24 9.31 -15.54
C SER A 249 -24.30 9.63 -17.01
N TYR A 250 -23.37 9.06 -17.78
CA TYR A 250 -23.29 9.31 -19.21
C TYR A 250 -23.31 8.00 -19.96
N PRO A 251 -24.52 7.39 -20.08
CA PRO A 251 -24.61 6.03 -20.60
C PRO A 251 -24.09 5.92 -22.05
N SER A 252 -24.11 7.00 -22.81
CA SER A 252 -23.60 6.90 -24.18
C SER A 252 -22.09 7.13 -24.29
N VAL A 253 -21.41 7.39 -23.16
CA VAL A 253 -19.95 7.58 -23.19
C VAL A 253 -19.24 6.25 -22.99
N GLN A 254 -18.30 5.95 -23.90
CA GLN A 254 -17.30 4.89 -23.74
C GLN A 254 -16.02 5.51 -23.21
N ALA A 255 -15.65 5.16 -21.97
CA ALA A 255 -14.49 5.76 -21.30
C ALA A 255 -13.28 4.82 -21.30
N ASP A 256 -12.09 5.38 -21.57
CA ASP A 256 -10.82 4.66 -21.48
C ASP A 256 -9.99 5.32 -20.38
N MET A 257 -9.62 4.56 -19.35
CA MET A 257 -8.69 5.08 -18.37
C MET A 257 -7.31 4.77 -18.92
N ILE A 258 -6.55 5.83 -19.14
CA ILE A 258 -5.22 5.67 -19.72
C ILE A 258 -4.20 6.07 -18.67
N LEU A 259 -3.50 5.07 -18.12
CA LEU A 259 -2.56 5.35 -17.06
C LEU A 259 -1.24 4.66 -17.38
N ARG A 260 -0.15 5.38 -17.12
CA ARG A 260 1.18 4.83 -17.42
C ARG A 260 1.59 3.79 -16.35
N ALA A 261 1.02 3.87 -15.14
CA ALA A 261 1.29 2.88 -14.10
C ALA A 261 0.53 1.58 -14.38
N SER A 262 0.84 0.51 -13.63
CA SER A 262 0.34 -0.80 -13.98
C SER A 262 -1.06 -1.10 -13.44
N ALA A 263 -1.47 -0.40 -12.39
CA ALA A 263 -2.75 -0.68 -11.72
C ALA A 263 -3.25 0.55 -11.00
N LEU A 264 -4.54 0.56 -10.67
CA LEU A 264 -5.02 1.47 -9.62
C LEU A 264 -4.53 0.93 -8.32
N LYS A 265 -4.02 1.79 -7.44
CA LYS A 265 -3.46 1.34 -6.16
C LYS A 265 -4.12 2.04 -4.99
N PRO A 266 -4.29 1.33 -3.87
CA PRO A 266 -5.12 1.87 -2.79
C PRO A 266 -4.37 2.90 -1.96
N ALA A 267 -5.12 3.92 -1.58
CA ALA A 267 -4.66 4.95 -0.65
C ALA A 267 -4.46 4.34 0.73
N ASP A 268 -3.28 4.59 1.32
CA ASP A 268 -2.97 4.11 2.66
C ASP A 268 -3.44 5.11 3.72
N ASP A 269 -4.53 4.78 4.43
CA ASP A 269 -4.94 5.47 5.65
C ASP A 269 -5.02 4.51 6.88
N SER A 270 -4.28 3.39 6.84
CA SER A 270 -4.18 2.49 8.00
C SER A 270 -3.61 3.32 9.17
N PRO A 271 -3.97 2.95 10.42
CA PRO A 271 -3.81 3.91 11.52
C PRO A 271 -2.36 4.30 11.94
N PHE A 272 -1.41 3.37 11.91
CA PHE A 272 -0.01 3.75 12.21
C PHE A 272 0.55 4.67 11.13
N VAL A 273 0.39 4.26 9.88
CA VAL A 273 0.78 5.08 8.73
C VAL A 273 0.14 6.48 8.80
N ASN A 274 -1.14 6.51 9.19
CA ASN A 274 -1.89 7.78 9.18
C ASN A 274 -1.37 8.81 10.18
N GLU A 275 -0.54 8.35 11.11
CA GLU A 275 0.18 9.27 12.01
C GLU A 275 1.09 10.28 11.27
N VAL A 276 1.42 10.00 10.01
CA VAL A 276 2.24 10.96 9.19
C VAL A 276 1.50 12.29 8.93
N PHE A 277 0.19 12.28 9.16
CA PHE A 277 -0.62 13.50 9.00
C PHE A 277 -0.87 14.26 10.31
N ALA A 278 -0.49 13.65 11.43
CA ALA A 278 -0.73 14.26 12.74
C ALA A 278 0.08 15.58 12.89
N PRO A 279 -0.46 16.56 13.63
CA PRO A 279 0.31 17.81 13.82
C PRO A 279 1.77 17.58 14.30
N LYS A 280 1.99 16.58 15.19
CA LYS A 280 3.36 16.21 15.64
C LYS A 280 4.35 15.90 14.52
N PHE A 281 3.87 15.30 13.43
CA PHE A 281 4.76 14.98 12.34
C PHE A 281 5.33 16.26 11.71
N THR A 282 4.62 17.38 11.79
CA THR A 282 5.11 18.63 11.15
C THR A 282 6.48 18.99 11.75
N ASP A 283 6.55 18.97 13.07
CA ASP A 283 7.80 19.28 13.83
C ASP A 283 8.88 18.28 13.48
N LEU A 284 8.51 17.01 13.37
CA LEU A 284 9.45 15.95 13.11
C LEU A 284 10.13 16.12 11.74
N ILE A 285 9.34 16.23 10.67
CA ILE A 285 9.92 16.36 9.34
C ILE A 285 10.74 17.66 9.19
N TYR A 286 10.22 18.75 9.76
CA TYR A 286 10.95 20.02 9.74
C TYR A 286 12.34 19.93 10.43
N SER A 287 12.43 19.18 11.52
CA SER A 287 13.70 18.92 12.22
C SER A 287 14.72 18.07 11.42
N ARG A 288 14.26 17.37 10.38
CA ARG A 288 15.15 16.45 9.65
C ARG A 288 15.96 17.15 8.59
N GLU A 289 17.12 16.57 8.27
CA GLU A 289 17.94 17.08 7.17
C GLU A 289 17.28 16.73 5.85
N HIS A 290 17.70 17.41 4.79
CA HIS A 290 17.01 17.35 3.51
C HIS A 290 16.92 15.94 2.88
N ALA A 291 17.98 15.13 2.98
CA ALA A 291 17.95 13.75 2.43
C ALA A 291 16.90 12.88 3.14
N GLU A 292 16.79 13.07 4.46
CA GLU A 292 15.88 12.30 5.28
C GLU A 292 14.41 12.77 5.11
N ARG A 293 14.22 14.09 4.97
CA ARG A 293 12.88 14.61 4.59
C ARG A 293 12.39 13.99 3.28
N GLU A 294 13.27 13.95 2.27
CA GLU A 294 12.89 13.38 0.97
C GLU A 294 12.61 11.87 1.03
N ARG A 295 13.36 11.16 1.86
CA ARG A 295 13.14 9.73 2.11
C ARG A 295 11.74 9.47 2.74
N LEU A 296 11.43 10.20 3.81
CA LEU A 296 10.09 10.13 4.45
C LEU A 296 8.97 10.39 3.45
N LEU A 297 9.15 11.42 2.61
CA LEU A 297 8.09 11.74 1.63
C LEU A 297 7.91 10.66 0.58
N ARG A 298 9.02 10.06 0.13
CA ARG A 298 8.97 8.92 -0.78
C ARG A 298 8.28 7.71 -0.09
N GLU A 299 8.69 7.41 1.15
CA GLU A 299 8.12 6.26 1.89
C GLU A 299 6.59 6.32 1.99
N TYR A 300 6.08 7.52 2.24
CA TYR A 300 4.64 7.72 2.52
C TYR A 300 3.89 8.35 1.34
N HIS A 301 4.50 8.31 0.15
CA HIS A 301 3.90 8.91 -1.04
C HIS A 301 2.48 8.36 -1.29
N ASN A 302 2.29 7.05 -1.02
CA ASN A 302 1.02 6.38 -1.29
C ASN A 302 -0.11 6.63 -0.26
N THR A 303 0.13 7.50 0.69
CA THR A 303 -0.95 7.98 1.58
C THR A 303 -1.72 9.11 0.87
N ASN A 304 -1.14 9.65 -0.20
CA ASN A 304 -1.75 10.83 -0.81
C ASN A 304 -1.70 10.98 -2.32
N TYR A 305 -0.71 10.40 -2.99
CA TYR A 305 -0.51 10.64 -4.42
C TYR A 305 -0.60 9.35 -5.22
N SER A 306 -1.23 9.44 -6.41
CA SER A 306 -1.40 8.32 -7.35
C SER A 306 -2.11 7.12 -6.72
N VAL A 307 -3.09 7.41 -5.85
CA VAL A 307 -3.80 6.34 -5.16
C VAL A 307 -5.29 6.69 -5.15
N VAL A 308 -6.08 5.66 -4.93
CA VAL A 308 -7.54 5.70 -5.03
C VAL A 308 -8.09 5.02 -3.76
N ASP A 309 -9.16 5.59 -3.20
CA ASP A 309 -9.89 4.94 -2.10
C ASP A 309 -10.19 3.45 -2.43
N THR A 310 -9.88 2.54 -1.49
CA THR A 310 -10.09 1.12 -1.73
C THR A 310 -11.47 0.77 -2.30
N ASP A 311 -12.54 1.36 -1.74
CA ASP A 311 -13.90 1.01 -2.17
C ASP A 311 -14.15 1.42 -3.61
N LEU A 312 -13.56 2.55 -3.99
CA LEU A 312 -13.68 3.02 -5.36
C LEU A 312 -12.89 2.12 -6.33
N ILE A 313 -11.71 1.64 -5.92
CA ILE A 313 -11.01 0.61 -6.74
C ILE A 313 -11.93 -0.62 -6.98
N GLU A 314 -12.54 -1.09 -5.90
CA GLU A 314 -13.42 -2.29 -6.00
C GLU A 314 -14.58 -2.03 -6.97
N ARG A 315 -15.13 -0.82 -6.86
CA ARG A 315 -16.24 -0.42 -7.76
C ARG A 315 -15.80 -0.42 -9.22
N ILE A 316 -14.64 0.14 -9.50
CA ILE A 316 -14.15 0.17 -10.87
C ILE A 316 -13.82 -1.25 -11.39
N TYR A 317 -13.15 -2.03 -10.56
CA TYR A 317 -12.83 -3.39 -10.96
C TYR A 317 -14.14 -4.15 -11.31
N GLY A 318 -15.18 -3.88 -10.53
CA GLY A 318 -16.51 -4.49 -10.74
C GLY A 318 -17.08 -4.11 -12.10
N VAL A 319 -16.93 -2.84 -12.47
CA VAL A 319 -17.40 -2.35 -13.78
C VAL A 319 -16.72 -3.17 -14.91
N PHE A 320 -15.40 -3.32 -14.81
CA PHE A 320 -14.67 -4.06 -15.85
C PHE A 320 -14.99 -5.58 -15.80
N TYR A 321 -15.21 -6.07 -14.60
CA TYR A 321 -15.54 -7.50 -14.44
C TYR A 321 -16.89 -7.77 -15.11
N ARG A 322 -17.86 -6.88 -14.92
CA ARG A 322 -19.17 -7.09 -15.51
C ARG A 322 -19.15 -7.08 -17.05
N GLN A 323 -18.17 -6.36 -17.64
CA GLN A 323 -17.97 -6.38 -19.09
C GLN A 323 -17.51 -7.75 -19.57
N LYS A 324 -16.77 -8.46 -18.71
CA LYS A 324 -16.38 -9.84 -19.04
C LYS A 324 -17.60 -10.76 -19.02
N VAL A 325 -18.51 -10.51 -18.09
CA VAL A 325 -19.76 -11.28 -17.98
C VAL A 325 -20.64 -11.08 -19.21
N SER A 326 -20.85 -9.82 -19.58
CA SER A 326 -21.79 -9.47 -20.66
C SER A 326 -21.20 -9.61 -22.08
N GLY A 327 -19.87 -9.61 -22.22
CA GLY A 327 -19.20 -9.47 -23.53
C GLY A 327 -19.35 -8.11 -24.21
N ILE A 328 -19.74 -7.08 -23.46
CA ILE A 328 -19.96 -5.73 -24.00
C ILE A 328 -18.85 -4.79 -23.50
N PRO A 329 -17.84 -4.51 -24.34
CA PRO A 329 -16.68 -3.73 -23.88
C PRO A 329 -16.87 -2.21 -24.08
N ARG A 330 -17.81 -1.64 -23.32
CA ARG A 330 -18.08 -0.21 -23.30
C ARG A 330 -16.80 0.58 -22.98
N HIS A 331 -16.18 0.25 -21.85
CA HIS A 331 -14.99 0.94 -21.35
C HIS A 331 -13.73 0.13 -21.55
N ALA A 332 -12.59 0.79 -21.48
CA ALA A 332 -11.28 0.14 -21.56
C ALA A 332 -10.36 0.63 -20.44
N PHE A 333 -9.65 -0.31 -19.84
CA PHE A 333 -8.68 -0.03 -18.81
C PHE A 333 -7.29 -0.15 -19.45
N ARG A 334 -6.74 0.96 -19.90
CA ARG A 334 -5.44 0.95 -20.61
C ARG A 334 -4.30 1.28 -19.67
N CYS A 335 -3.89 0.29 -18.88
CA CYS A 335 -2.79 0.46 -17.96
C CYS A 335 -1.47 0.30 -18.73
N MET A 336 -0.38 0.74 -18.12
CA MET A 336 0.97 0.75 -18.74
C MET A 336 0.99 1.47 -20.09
N THR A 337 0.17 2.53 -20.21
CA THR A 337 -0.02 3.18 -21.49
C THR A 337 0.35 4.65 -21.37
N THR A 338 1.13 5.12 -22.37
CA THR A 338 1.63 6.49 -22.39
C THR A 338 1.12 7.17 -23.64
N VAL A 339 0.63 8.41 -23.49
CA VAL A 339 0.33 9.23 -24.66
C VAL A 339 1.63 9.77 -25.26
N GLU A 340 1.97 9.30 -26.46
CA GLU A 340 3.21 9.75 -27.14
C GLU A 340 3.00 10.94 -28.05
N ARG A 341 1.78 11.08 -28.57
CA ARG A 341 1.41 12.19 -29.45
C ARG A 341 -0.09 12.47 -29.22
N ALA A 342 -0.48 13.75 -29.25
CA ALA A 342 -1.91 14.09 -29.21
C ALA A 342 -2.17 15.16 -30.26
N THR A 343 -3.10 14.89 -31.17
CA THR A 343 -3.30 15.77 -32.31
C THR A 343 -4.79 16.10 -32.45
N ALA A 344 -5.11 17.38 -32.63
CA ALA A 344 -6.46 17.81 -33.01
C ALA A 344 -6.76 17.43 -34.46
N THR A 345 -7.89 16.75 -34.68
CA THR A 345 -8.41 16.49 -36.03
C THR A 345 -9.89 16.91 -36.10
N ALA A 346 -10.42 17.02 -37.31
CA ALA A 346 -11.85 17.27 -37.51
C ALA A 346 -12.72 16.22 -36.78
N GLN A 347 -12.24 14.97 -36.72
CA GLN A 347 -12.97 13.83 -36.10
C GLN A 347 -12.81 13.69 -34.57
N GLY A 348 -11.89 14.42 -33.97
CA GLY A 348 -11.65 14.34 -32.52
C GLY A 348 -10.19 14.52 -32.16
N ILE A 349 -9.82 14.12 -30.94
CA ILE A 349 -8.45 14.21 -30.48
C ILE A 349 -7.83 12.82 -30.70
N GLU A 350 -6.80 12.77 -31.56
CA GLU A 350 -6.17 11.52 -31.91
C GLU A 350 -4.99 11.31 -30.95
N LEU A 351 -4.96 10.17 -30.26
CA LEU A 351 -3.90 9.90 -29.31
C LEU A 351 -3.12 8.70 -29.81
N ALA A 352 -1.80 8.85 -29.86
CA ALA A 352 -0.90 7.75 -30.16
C ALA A 352 -0.47 7.17 -28.80
N LEU A 353 -0.86 5.91 -28.59
CA LEU A 353 -0.77 5.26 -27.28
C LEU A 353 0.26 4.12 -27.27
N ARG A 354 1.28 4.27 -26.44
CA ARG A 354 2.34 3.26 -26.35
C ARG A 354 2.03 2.35 -25.17
N ASP A 355 1.82 1.07 -25.46
CA ASP A 355 1.60 0.06 -24.42
C ASP A 355 2.97 -0.51 -24.03
N ALA A 356 3.50 -0.15 -22.84
CA ALA A 356 4.82 -0.68 -22.39
C ALA A 356 4.87 -2.22 -22.20
N GLY A 357 3.72 -2.83 -21.96
CA GLY A 357 3.60 -4.29 -21.89
C GLY A 357 4.01 -5.02 -23.16
N SER A 358 3.62 -4.47 -24.32
CA SER A 358 3.86 -5.10 -25.62
C SER A 358 4.83 -4.28 -26.50
N GLY A 359 5.14 -3.05 -26.09
CA GLY A 359 5.98 -2.11 -26.85
C GLY A 359 5.27 -1.49 -28.05
N GLU A 360 4.02 -1.88 -28.26
CA GLU A 360 3.22 -1.48 -29.43
C GLU A 360 2.57 -0.11 -29.32
N LEU A 361 2.42 0.52 -30.48
CA LEU A 361 1.81 1.83 -30.59
C LEU A 361 0.49 1.67 -31.32
N SER A 362 -0.58 2.16 -30.71
CA SER A 362 -1.87 2.23 -31.39
C SER A 362 -2.39 3.67 -31.39
N VAL A 363 -3.35 3.91 -32.26
CA VAL A 363 -3.85 5.24 -32.50
C VAL A 363 -5.34 5.17 -32.19
N GLU A 364 -5.81 5.96 -31.22
CA GLU A 364 -7.24 6.00 -30.93
C GLU A 364 -7.73 7.45 -30.96
N THR A 365 -8.93 7.64 -31.48
CA THR A 365 -9.52 8.99 -31.56
C THR A 365 -10.68 9.16 -30.57
N TYR A 366 -10.65 10.27 -29.83
CA TYR A 366 -11.60 10.54 -28.76
C TYR A 366 -12.36 11.84 -29.03
N ASP A 367 -13.58 11.90 -28.53
CA ASP A 367 -14.41 13.07 -28.61
C ASP A 367 -13.98 14.10 -27.58
N ALA A 368 -13.40 13.61 -26.47
CA ALA A 368 -12.90 14.45 -25.39
C ALA A 368 -11.77 13.73 -24.64
N VAL A 369 -10.88 14.51 -24.06
CA VAL A 369 -9.79 13.99 -23.26
C VAL A 369 -9.78 14.75 -21.90
N ILE A 370 -9.96 14.01 -20.82
CA ILE A 370 -9.91 14.57 -19.48
C ILE A 370 -8.52 14.28 -18.90
N LEU A 371 -7.84 15.33 -18.50
CA LEU A 371 -6.54 15.24 -17.85
C LEU A 371 -6.75 15.20 -16.33
N ALA A 372 -6.70 14.00 -15.75
CA ALA A 372 -6.88 13.83 -14.31
C ALA A 372 -5.48 13.65 -13.72
N THR A 373 -4.66 14.67 -13.94
CA THR A 373 -3.19 14.54 -13.81
C THR A 373 -2.67 15.34 -12.62
N GLY A 374 -3.59 15.85 -11.79
CA GLY A 374 -3.17 16.46 -10.52
C GLY A 374 -2.65 17.89 -10.64
N TYR A 375 -1.85 18.33 -9.67
CA TYR A 375 -1.58 19.78 -9.50
C TYR A 375 -0.12 19.95 -9.18
N GLU A 376 0.41 21.11 -9.54
CA GLU A 376 1.73 21.55 -9.10
C GLU A 376 1.56 22.64 -8.07
N ARG A 377 2.54 22.74 -7.18
CA ARG A 377 2.60 23.82 -6.19
C ARG A 377 3.87 24.64 -6.37
N GLN A 378 3.74 25.76 -7.09
CA GLN A 378 4.88 26.64 -7.33
C GLN A 378 4.50 28.11 -7.19
N LEU A 379 3.32 28.45 -7.71
CA LEU A 379 2.83 29.82 -7.63
C LEU A 379 3.76 30.78 -8.35
N ARG A 381 5.13 32.40 -10.12
CA ARG A 381 5.86 33.36 -9.35
C ARG A 381 5.77 34.75 -9.96
N GLN A 382 4.84 35.00 -10.87
CA GLN A 382 4.61 36.38 -11.29
C GLN A 382 4.06 37.17 -10.12
N LEU A 383 3.22 36.51 -9.35
CA LEU A 383 2.70 37.05 -8.10
C LEU A 383 3.76 37.69 -7.20
N LEU A 384 4.77 36.91 -6.83
CA LEU A 384 5.85 37.36 -5.97
C LEU A 384 7.07 37.90 -6.71
N GLU A 385 7.05 37.84 -8.04
CA GLU A 385 8.16 38.35 -8.91
C GLU A 385 8.74 39.72 -8.49
N PRO A 386 7.89 40.76 -8.28
CA PRO A 386 8.51 42.04 -7.89
C PRO A 386 9.23 42.02 -6.54
N LEU A 387 9.15 40.92 -5.80
CA LEU A 387 9.81 40.79 -4.49
C LEU A 387 11.04 39.88 -4.52
N ALA A 388 11.33 39.32 -5.70
CA ALA A 388 12.46 38.38 -5.91
C ALA A 388 13.81 38.89 -5.38
N GLU A 389 14.03 40.19 -5.56
CA GLU A 389 15.24 40.84 -5.04
C GLU A 389 15.42 40.73 -3.52
N TYR A 390 14.34 40.45 -2.76
CA TYR A 390 14.38 40.41 -1.29
C TYR A 390 14.29 39.02 -0.63
N LEU A 391 13.94 37.98 -1.39
CA LEU A 391 13.68 36.64 -0.82
C LEU A 391 14.96 35.80 -0.64
N GLY A 392 14.83 34.56 -0.12
CA GLY A 392 15.98 33.74 0.28
C GLY A 392 16.81 33.17 -0.85
N GLU A 395 15.07 28.59 2.95
CA GLU A 395 13.72 28.00 2.88
C GLU A 395 12.76 28.69 3.84
N ILE A 396 11.45 28.50 3.60
CA ILE A 396 10.38 28.88 4.53
C ILE A 396 10.65 28.49 6.01
N GLY A 397 10.23 29.33 6.95
CA GLY A 397 10.42 29.07 8.38
C GLY A 397 9.44 28.01 8.88
N ARG A 398 9.68 27.50 10.08
CA ARG A 398 8.72 26.61 10.76
C ARG A 398 7.33 27.24 10.80
N ASP A 399 7.28 28.56 11.11
CA ASP A 399 6.02 29.30 11.18
C ASP A 399 5.41 29.75 9.83
N TYR A 400 5.93 29.20 8.73
CA TYR A 400 5.43 29.39 7.36
C TYR A 400 5.80 30.77 6.78
N ARG A 401 6.73 31.46 7.43
CA ARG A 401 7.18 32.78 6.98
C ARG A 401 8.36 32.63 6.02
N LEU A 402 8.24 33.27 4.85
CA LEU A 402 9.29 33.33 3.84
C LEU A 402 10.47 34.13 4.40
N GLN A 403 11.67 33.56 4.34
CA GLN A 403 12.84 34.28 4.81
C GLN A 403 13.23 35.35 3.81
N THR A 404 13.35 36.58 4.30
CA THR A 404 13.78 37.73 3.52
C THR A 404 15.07 38.32 4.10
N ASP A 405 15.80 39.09 3.31
CA ASP A 405 16.96 39.83 3.87
C ASP A 405 16.47 40.96 4.81
N GLU A 406 17.39 41.60 5.52
CA GLU A 406 17.05 42.61 6.56
C GLU A 406 16.32 43.89 6.07
N ARG A 407 16.44 44.22 4.78
CA ARG A 407 15.71 45.39 4.20
C ARG A 407 14.17 45.22 4.21
N CYS A 408 13.73 43.96 4.13
CA CYS A 408 12.31 43.65 4.10
C CYS A 408 11.80 43.57 5.55
N LYS A 409 10.99 44.55 5.92
CA LYS A 409 10.46 44.68 7.29
C LYS A 409 9.05 44.07 7.43
N VAL A 410 8.48 43.66 6.31
CA VAL A 410 7.13 43.09 6.27
C VAL A 410 7.24 41.57 6.39
N ALA A 411 6.17 40.95 6.88
CA ALA A 411 6.11 39.48 7.02
C ALA A 411 5.26 38.93 5.87
N ILE A 412 5.78 37.92 5.17
CA ILE A 412 5.05 37.21 4.12
C ILE A 412 4.97 35.72 4.49
N TYR A 413 3.74 35.20 4.55
CA TYR A 413 3.52 33.78 4.87
C TYR A 413 2.93 33.09 3.63
N ALA A 414 3.16 31.77 3.51
CA ALA A 414 2.57 31.01 2.43
C ALA A 414 2.01 29.70 2.99
N GLN A 415 0.85 29.27 2.49
CA GLN A 415 0.21 28.04 2.97
C GLN A 415 0.05 27.10 1.80
N GLY A 416 0.52 25.86 1.98
CA GLY A 416 0.33 24.79 0.99
C GLY A 416 1.48 24.63 0.02
N PHE A 417 2.57 25.35 0.30
CA PHE A 417 3.75 25.35 -0.58
C PHE A 417 5.00 24.78 0.07
N SER A 418 4.79 24.06 1.17
CA SER A 418 5.92 23.65 1.97
C SER A 418 5.84 22.17 2.36
N GLN A 419 5.26 21.34 1.51
CA GLN A 419 5.32 19.89 1.71
C GLN A 419 6.76 19.37 1.95
N ALA A 420 7.72 19.88 1.18
CA ALA A 420 9.13 19.42 1.30
C ALA A 420 9.69 19.52 2.71
N SER A 421 9.24 20.51 3.47
CA SER A 421 9.77 20.75 4.82
C SER A 421 8.79 20.44 5.96
N HIS A 422 7.51 20.46 5.67
CA HIS A 422 6.49 20.35 6.73
C HIS A 422 5.61 19.09 6.60
N GLY A 423 5.73 18.35 5.51
CA GLY A 423 5.16 17.03 5.44
C GLY A 423 3.92 16.93 4.58
N LEU A 424 3.39 15.70 4.49
CA LEU A 424 2.26 15.40 3.60
C LEU A 424 0.94 16.08 3.98
N SER A 425 0.83 16.60 5.22
CA SER A 425 -0.37 17.33 5.58
C SER A 425 -0.43 18.70 4.86
N ASP A 426 0.69 19.10 4.27
CA ASP A 426 0.83 20.53 3.88
C ASP A 426 -0.24 21.01 2.90
N THR A 427 -0.52 20.22 1.86
CA THR A 427 -1.52 20.60 0.85
C THR A 427 -2.95 20.16 1.16
N LEU A 428 -3.18 19.64 2.37
CA LEU A 428 -4.48 18.99 2.67
C LEU A 428 -5.26 19.78 3.71
N LEU A 429 -6.39 19.24 4.15
CA LEU A 429 -7.12 19.82 5.31
C LEU A 429 -6.52 19.41 6.66
N SER A 430 -5.59 18.43 6.64
CA SER A 430 -5.13 17.70 7.84
C SER A 430 -4.74 18.49 9.10
N VAL A 431 -3.98 19.55 8.92
CA VAL A 431 -3.45 20.28 10.08
C VAL A 431 -3.87 21.76 10.08
N LEU A 432 -4.89 22.11 9.30
CA LEU A 432 -5.29 23.50 9.16
C LEU A 432 -5.54 24.20 10.50
N PRO A 433 -6.25 23.55 11.47
CA PRO A 433 -6.45 24.29 12.73
C PRO A 433 -5.18 24.66 13.49
N VAL A 434 -4.18 23.78 13.42
CA VAL A 434 -2.90 24.01 14.07
C VAL A 434 -2.03 25.01 13.27
N ARG A 435 -1.98 24.85 11.94
CA ARG A 435 -1.25 25.84 11.12
C ARG A 435 -1.84 27.25 11.29
N ALA A 436 -3.17 27.35 11.36
CA ALA A 436 -3.82 28.64 11.55
C ALA A 436 -3.39 29.28 12.87
N GLU A 437 -3.33 28.47 13.93
CA GLU A 437 -2.88 28.95 15.25
C GLU A 437 -1.42 29.38 15.17
N GLU A 438 -0.62 28.64 14.41
CA GLU A 438 0.80 28.95 14.30
C GLU A 438 1.09 30.24 13.50
N ILE A 439 0.43 30.38 12.33
CA ILE A 439 0.59 31.59 11.52
C ILE A 439 0.00 32.82 12.24
N SER A 440 -1.20 32.67 12.83
CA SER A 440 -1.82 33.80 13.53
C SER A 440 -0.96 34.26 14.73
N GLY A 441 -0.39 33.32 15.47
CA GLY A 441 0.55 33.61 16.57
C GLY A 441 1.80 34.37 16.09
N SER A 442 2.42 33.86 15.04
CA SER A 442 3.59 34.50 14.48
C SER A 442 3.26 35.93 14.00
N LEU A 443 2.11 36.09 13.33
CA LEU A 443 1.70 37.38 12.80
C LEU A 443 1.53 38.42 13.89
N TYR A 444 0.83 38.05 14.97
CA TYR A 444 0.69 38.96 16.12
C TYR A 444 2.05 39.31 16.72
N GLN A 445 2.93 38.31 16.84
CA GLN A 445 4.28 38.53 17.35
C GLN A 445 5.05 39.51 16.45
N HIS A 446 4.92 39.37 15.13
CA HIS A 446 5.56 40.28 14.20
C HIS A 446 4.99 41.71 14.26
N LEU A 447 3.67 41.82 14.33
CA LEU A 447 2.98 43.12 14.35
C LEU A 447 3.03 43.85 15.71
N LYS A 448 3.39 43.14 16.79
CA LYS A 448 3.55 43.74 18.13
C LYS A 448 4.61 44.86 18.12
N VAL B 29 13.82 -52.03 -6.16
CA VAL B 29 12.70 -51.25 -6.76
C VAL B 29 13.18 -49.81 -7.04
N VAL B 30 12.91 -49.32 -8.24
CA VAL B 30 13.27 -47.95 -8.61
C VAL B 30 11.97 -47.13 -8.79
N HIS B 31 11.80 -46.11 -7.95
CA HIS B 31 10.62 -45.22 -8.03
C HIS B 31 10.70 -44.30 -9.25
N ASP B 32 9.53 -43.90 -9.78
CA ASP B 32 9.47 -42.91 -10.84
C ASP B 32 9.72 -41.51 -10.28
N LEU B 33 9.30 -41.28 -9.04
CA LEU B 33 9.41 -39.98 -8.39
C LEU B 33 9.44 -40.11 -6.90
N ILE B 34 10.33 -39.36 -6.29
CA ILE B 34 10.33 -39.16 -4.86
C ILE B 34 10.27 -37.66 -4.63
N GLY B 35 9.41 -37.26 -3.71
CA GLY B 35 9.27 -35.86 -3.35
C GLY B 35 9.81 -35.64 -1.97
N VAL B 36 10.54 -34.55 -1.81
CA VAL B 36 10.91 -34.05 -0.50
C VAL B 36 9.82 -33.10 0.00
N GLY B 37 9.14 -33.53 1.05
CA GLY B 37 8.00 -32.82 1.63
C GLY B 37 6.66 -33.31 1.13
N PHE B 38 5.66 -33.27 1.99
CA PHE B 38 4.28 -33.51 1.56
C PHE B 38 3.36 -32.40 2.14
N GLY B 39 3.84 -31.16 2.06
CA GLY B 39 2.97 -29.99 2.26
C GLY B 39 2.17 -29.68 1.01
N PRO B 40 1.44 -28.55 1.01
CA PRO B 40 0.58 -28.20 -0.13
C PRO B 40 1.18 -28.37 -1.52
N SER B 41 2.44 -27.98 -1.72
CA SER B 41 2.98 -28.12 -3.08
C SER B 41 2.94 -29.59 -3.56
N ASN B 42 3.43 -30.49 -2.73
CA ASN B 42 3.49 -31.88 -3.19
C ASN B 42 2.16 -32.61 -3.04
N ILE B 43 1.30 -32.14 -2.15
CA ILE B 43 -0.07 -32.69 -2.12
C ILE B 43 -0.81 -32.30 -3.40
N ALA B 44 -0.69 -31.02 -3.79
CA ALA B 44 -1.27 -30.59 -5.05
C ALA B 44 -0.71 -31.40 -6.22
N LEU B 45 0.60 -31.65 -6.18
CA LEU B 45 1.24 -32.45 -7.22
C LEU B 45 0.68 -33.91 -7.22
N ALA B 46 0.54 -34.51 -6.04
CA ALA B 46 -0.04 -35.88 -5.96
C ALA B 46 -1.44 -35.95 -6.62
N ILE B 47 -2.28 -34.94 -6.38
CA ILE B 47 -3.61 -34.90 -7.02
C ILE B 47 -3.49 -34.83 -8.53
N ALA B 48 -2.62 -33.95 -9.05
CA ALA B 48 -2.54 -33.78 -10.50
C ALA B 48 -2.03 -35.07 -11.17
N LEU B 49 -1.05 -35.71 -10.52
CA LEU B 49 -0.55 -37.02 -11.00
C LEU B 49 -1.67 -38.07 -11.01
N GLN B 50 -2.48 -38.10 -9.95
CA GLN B 50 -3.64 -39.01 -9.94
C GLN B 50 -4.60 -38.74 -11.08
N GLU B 51 -4.87 -37.47 -11.38
CA GLU B 51 -5.72 -37.12 -12.51
C GLU B 51 -5.17 -37.61 -13.86
N ARG B 52 -3.85 -37.61 -14.04
CA ARG B 52 -3.23 -38.05 -15.31
C ARG B 52 -3.12 -39.58 -15.47
N ALA B 53 -3.15 -40.29 -14.34
CA ALA B 53 -2.94 -41.76 -14.30
C ALA B 53 -3.83 -42.59 -15.24
N GLN B 54 -5.12 -42.29 -15.34
CA GLN B 54 -6.00 -43.13 -16.19
C GLN B 54 -5.58 -43.09 -17.67
N ALA B 55 -5.44 -41.88 -18.23
CA ALA B 55 -5.02 -41.69 -19.61
C ALA B 55 -3.54 -42.02 -19.89
N GLN B 56 -2.65 -41.73 -18.93
CA GLN B 56 -1.19 -41.81 -19.13
C GLN B 56 -0.43 -42.90 -18.34
N GLY B 57 -1.14 -43.65 -17.49
CA GLY B 57 -0.54 -44.70 -16.67
C GLY B 57 -0.09 -44.21 -15.31
N ALA B 58 -0.31 -45.01 -14.27
CA ALA B 58 0.06 -44.66 -12.90
C ALA B 58 1.58 -44.72 -12.72
N LEU B 59 2.16 -43.73 -12.04
CA LEU B 59 3.59 -43.75 -11.72
C LEU B 59 3.83 -44.27 -10.31
N GLU B 60 5.05 -44.76 -10.06
CA GLU B 60 5.47 -45.22 -8.73
C GLU B 60 6.09 -44.04 -7.96
N VAL B 61 5.33 -43.52 -7.00
CA VAL B 61 5.61 -42.23 -6.42
C VAL B 61 5.60 -42.28 -4.91
N LEU B 62 6.54 -41.58 -4.28
CA LEU B 62 6.55 -41.44 -2.84
C LEU B 62 6.85 -40.00 -2.49
N PHE B 63 6.21 -39.53 -1.43
CA PHE B 63 6.46 -38.20 -0.89
C PHE B 63 6.85 -38.37 0.58
N LEU B 64 8.05 -37.93 0.92
CA LEU B 64 8.54 -38.10 2.29
C LEU B 64 8.39 -36.79 3.05
N ASP B 65 7.85 -36.86 4.27
CA ASP B 65 7.80 -35.69 5.09
C ASP B 65 8.33 -35.96 6.48
N LYS B 66 9.18 -35.09 6.98
CA LYS B 66 9.77 -35.28 8.31
C LYS B 66 8.79 -35.20 9.48
N GLN B 67 7.61 -34.59 9.29
CA GLN B 67 6.64 -34.58 10.37
C GLN B 67 6.07 -35.99 10.58
N GLY B 68 6.03 -36.41 11.85
CA GLY B 68 5.38 -37.66 12.28
C GLY B 68 3.88 -37.60 12.12
N ASP B 69 3.31 -36.46 12.52
CA ASP B 69 1.89 -36.20 12.44
C ASP B 69 1.76 -34.82 11.75
N TYR B 70 1.31 -34.83 10.51
CA TYR B 70 1.39 -33.66 9.65
C TYR B 70 0.51 -32.52 10.15
N ARG B 71 1.08 -31.32 10.26
CA ARG B 71 0.30 -30.09 10.39
C ARG B 71 0.88 -29.05 9.44
N TRP B 72 0.00 -28.17 8.96
CA TRP B 72 0.42 -27.10 8.06
C TRP B 72 0.87 -25.91 8.94
N HIS B 73 2.19 -25.82 9.14
CA HIS B 73 2.81 -24.80 10.03
C HIS B 73 2.16 -24.82 11.41
N GLY B 74 2.10 -26.02 11.99
CA GLY B 74 1.29 -26.23 13.16
C GLY B 74 1.59 -25.37 14.37
N ASN B 75 2.88 -25.08 14.56
CA ASN B 75 3.33 -24.22 15.66
C ASN B 75 2.94 -22.74 15.53
N THR B 76 2.34 -22.37 14.40
CA THR B 76 1.93 -20.98 14.18
C THR B 76 0.39 -20.84 14.25
N LEU B 77 -0.31 -21.97 14.45
CA LEU B 77 -1.80 -22.00 14.50
C LEU B 77 -2.40 -21.47 15.80
N VAL B 78 -2.23 -20.18 16.05
CA VAL B 78 -2.78 -19.51 17.24
C VAL B 78 -4.28 -19.23 16.98
N SER B 79 -5.05 -18.84 18.02
CA SER B 79 -6.49 -18.53 17.84
C SER B 79 -6.74 -17.57 16.71
N GLN B 80 -6.02 -16.44 16.69
CA GLN B 80 -6.15 -15.48 15.56
C GLN B 80 -5.11 -15.72 14.45
N SER B 81 -5.48 -16.58 13.49
CA SER B 81 -4.66 -16.86 12.32
C SER B 81 -5.61 -17.14 11.15
N GLU B 82 -6.06 -16.07 10.51
CA GLU B 82 -6.93 -16.16 9.34
C GLU B 82 -6.09 -16.53 8.10
N LEU B 83 -6.64 -17.38 7.20
CA LEU B 83 -6.00 -17.62 5.91
C LEU B 83 -5.88 -16.29 5.18
N GLN B 84 -4.76 -16.05 4.50
CA GLN B 84 -4.61 -14.75 3.79
C GLN B 84 -4.81 -14.90 2.29
N ILE B 85 -5.71 -15.80 1.92
CA ILE B 85 -5.99 -16.06 0.53
C ILE B 85 -7.42 -16.61 0.52
N SER B 86 -8.13 -16.42 -0.58
CA SER B 86 -9.52 -16.96 -0.72
C SER B 86 -9.52 -18.49 -0.66
N PHE B 87 -10.53 -19.09 -0.03
CA PHE B 87 -10.63 -20.56 0.00
C PHE B 87 -10.76 -21.17 -1.41
N LEU B 88 -11.10 -20.34 -2.42
CA LEU B 88 -11.22 -20.84 -3.80
C LEU B 88 -9.81 -21.09 -4.38
N LYS B 89 -8.77 -20.56 -3.73
CA LYS B 89 -7.41 -20.87 -4.14
C LYS B 89 -6.87 -22.07 -3.38
N ASP B 90 -7.71 -23.11 -3.29
CA ASP B 90 -7.44 -24.39 -2.61
C ASP B 90 -6.49 -25.23 -3.51
N LEU B 91 -6.30 -26.53 -3.24
CA LEU B 91 -5.29 -27.30 -3.99
C LEU B 91 -5.62 -27.66 -5.44
N VAL B 92 -6.87 -27.41 -5.87
CA VAL B 92 -7.34 -27.94 -7.14
C VAL B 92 -8.20 -27.02 -8.01
N SER B 93 -8.99 -26.16 -7.37
CA SER B 93 -10.09 -25.47 -8.07
C SER B 93 -9.71 -24.59 -9.27
N LEU B 94 -8.58 -23.89 -9.21
CA LEU B 94 -8.14 -23.10 -10.38
C LEU B 94 -7.88 -23.97 -11.62
N ARG B 95 -7.61 -25.26 -11.43
CA ARG B 95 -7.47 -26.16 -12.58
C ARG B 95 -8.75 -26.96 -12.81
N ASN B 96 -9.36 -27.42 -11.72
CA ASN B 96 -10.44 -28.41 -11.82
C ASN B 96 -11.44 -28.24 -10.68
N PRO B 97 -12.45 -27.36 -10.84
CA PRO B 97 -13.43 -27.19 -9.75
C PRO B 97 -14.23 -28.46 -9.43
N THR B 98 -14.25 -29.43 -10.35
CA THR B 98 -15.03 -30.66 -10.13
C THR B 98 -14.28 -31.71 -9.34
N SER B 99 -13.01 -31.45 -9.02
CA SER B 99 -12.21 -32.39 -8.24
C SER B 99 -12.85 -32.63 -6.87
N PRO B 100 -12.82 -33.90 -6.38
CA PRO B 100 -13.32 -34.22 -5.05
C PRO B 100 -12.48 -33.58 -3.94
N TYR B 101 -11.32 -33.02 -4.30
CA TYR B 101 -10.46 -32.43 -3.25
C TYR B 101 -10.58 -30.91 -3.12
N SER B 102 -11.62 -30.33 -3.70
CA SER B 102 -11.85 -28.90 -3.52
C SER B 102 -12.22 -28.63 -2.05
N PHE B 103 -11.99 -27.39 -1.60
CA PHE B 103 -12.35 -27.01 -0.24
C PHE B 103 -13.90 -27.13 -0.08
N VAL B 104 -14.65 -26.74 -1.10
CA VAL B 104 -16.14 -26.86 -1.02
C VAL B 104 -16.55 -28.33 -0.81
N ASN B 105 -15.92 -29.22 -1.57
CA ASN B 105 -16.22 -30.66 -1.39
C ASN B 105 -15.86 -31.17 0.00
N TYR B 106 -14.68 -30.76 0.49
CA TYR B 106 -14.29 -31.01 1.87
C TYR B 106 -15.38 -30.57 2.88
N LEU B 107 -15.90 -29.36 2.73
CA LEU B 107 -16.95 -28.90 3.64
C LEU B 107 -18.16 -29.81 3.54
N HIS B 108 -18.55 -30.14 2.31
CA HIS B 108 -19.72 -30.99 2.05
C HIS B 108 -19.55 -32.36 2.69
N LYS B 109 -18.37 -32.96 2.49
CA LYS B 109 -18.04 -34.25 3.06
C LYS B 109 -18.03 -34.22 4.60
N HIS B 110 -17.87 -33.03 5.17
CA HIS B 110 -17.89 -32.93 6.62
C HIS B 110 -19.21 -32.39 7.14
N ASP B 111 -20.23 -32.37 6.27
CA ASP B 111 -21.58 -31.95 6.63
C ASP B 111 -21.59 -30.52 7.22
N ARG B 112 -20.79 -29.65 6.61
CA ARG B 112 -20.55 -28.34 7.15
C ARG B 112 -20.66 -27.24 6.12
N LEU B 113 -21.08 -27.58 4.89
CA LEU B 113 -21.05 -26.57 3.83
C LEU B 113 -22.08 -25.48 4.17
N VAL B 114 -23.29 -25.88 4.58
CA VAL B 114 -24.29 -24.82 4.86
C VAL B 114 -23.83 -23.90 6.03
N ASP B 115 -23.22 -24.49 7.06
CA ASP B 115 -22.71 -23.70 8.21
C ASP B 115 -21.61 -22.69 7.79
N PHE B 116 -20.72 -23.14 6.89
CA PHE B 116 -19.68 -22.28 6.33
C PHE B 116 -20.31 -21.13 5.56
N ILE B 117 -21.32 -21.43 4.73
CA ILE B 117 -21.99 -20.38 3.95
C ILE B 117 -22.55 -19.28 4.86
N ASN B 118 -23.16 -19.69 5.99
CA ASN B 118 -23.73 -18.74 6.97
C ASN B 118 -22.69 -17.76 7.52
N LEU B 119 -21.45 -18.22 7.58
CA LEU B 119 -20.31 -17.38 8.01
C LEU B 119 -20.05 -16.20 7.09
N GLY B 120 -20.21 -16.41 5.78
CA GLY B 120 -20.06 -15.34 4.81
C GLY B 120 -18.62 -14.81 4.68
N THR B 121 -17.64 -15.69 4.92
CA THR B 121 -16.21 -15.34 4.77
C THR B 121 -15.49 -16.09 3.65
N PHE B 122 -14.70 -15.37 2.84
CA PHE B 122 -13.76 -16.01 1.94
C PHE B 122 -12.50 -16.56 2.59
N TYR B 123 -12.31 -16.23 3.85
CA TYR B 123 -11.05 -16.53 4.54
C TYR B 123 -11.27 -17.42 5.73
N PRO B 124 -11.26 -18.75 5.54
CA PRO B 124 -11.34 -19.59 6.72
C PRO B 124 -10.11 -19.40 7.63
N CYS B 125 -10.21 -19.93 8.85
CA CYS B 125 -9.09 -19.93 9.75
C CYS B 125 -8.00 -20.91 9.23
N ARG B 126 -6.74 -20.61 9.51
CA ARG B 126 -5.64 -21.51 9.10
C ARG B 126 -5.81 -22.90 9.73
N MET B 127 -6.40 -22.97 10.93
CA MET B 127 -6.73 -24.28 11.55
C MET B 127 -7.66 -25.09 10.65
N GLU B 128 -8.64 -24.42 10.05
CA GLU B 128 -9.57 -25.16 9.18
C GLU B 128 -8.87 -25.56 7.89
N PHE B 129 -8.03 -24.68 7.37
CA PHE B 129 -7.29 -25.03 6.16
C PHE B 129 -6.32 -26.19 6.46
N ASN B 130 -5.74 -26.19 7.68
CA ASN B 130 -4.91 -27.32 8.12
C ASN B 130 -5.68 -28.64 8.12
N ASP B 131 -6.90 -28.62 8.66
CA ASP B 131 -7.74 -29.83 8.66
C ASP B 131 -8.06 -30.31 7.22
N TYR B 132 -8.33 -29.37 6.33
CA TYR B 132 -8.56 -29.61 4.90
C TYR B 132 -7.34 -30.27 4.25
N LEU B 133 -6.17 -29.71 4.50
CA LEU B 133 -4.94 -30.29 3.96
C LEU B 133 -4.74 -31.76 4.44
N ARG B 134 -4.93 -31.99 5.72
CA ARG B 134 -4.82 -33.35 6.31
C ARG B 134 -5.82 -34.30 5.70
N TRP B 135 -7.05 -33.80 5.52
CA TRP B 135 -8.09 -34.60 4.87
C TRP B 135 -7.72 -34.98 3.44
N VAL B 136 -7.25 -34.00 2.66
CA VAL B 136 -6.80 -34.30 1.28
C VAL B 136 -5.64 -35.34 1.31
N ALA B 137 -4.66 -35.09 2.16
CA ALA B 137 -3.42 -35.92 2.27
C ALA B 137 -3.76 -37.36 2.61
N SER B 138 -4.79 -37.52 3.44
CA SER B 138 -5.30 -38.83 3.87
C SER B 138 -5.74 -39.74 2.71
N HIS B 139 -6.00 -39.16 1.55
CA HIS B 139 -6.35 -39.92 0.33
C HIS B 139 -5.12 -40.44 -0.43
N PHE B 140 -3.93 -40.21 0.11
CA PHE B 140 -2.68 -40.53 -0.60
C PHE B 140 -1.75 -41.34 0.26
N GLN B 141 -2.32 -42.16 1.16
CA GLN B 141 -1.54 -42.85 2.17
C GLN B 141 -0.57 -43.85 1.59
N GLU B 142 -0.80 -44.32 0.38
CA GLU B 142 0.13 -45.25 -0.26
C GLU B 142 1.35 -44.55 -0.82
N GLN B 143 1.22 -43.25 -1.08
CA GLN B 143 2.33 -42.48 -1.65
C GLN B 143 3.07 -41.67 -0.61
N SER B 144 2.51 -41.50 0.59
CA SER B 144 3.14 -40.68 1.60
C SER B 144 3.95 -41.53 2.59
N ARG B 145 5.06 -40.98 3.06
CA ARG B 145 5.78 -41.52 4.18
C ARG B 145 6.09 -40.44 5.17
N TYR B 146 5.42 -40.46 6.31
CA TYR B 146 5.63 -39.46 7.37
C TYR B 146 6.75 -39.88 8.31
N GLY B 147 7.28 -38.91 9.05
CA GLY B 147 8.37 -39.12 9.97
C GLY B 147 9.68 -39.54 9.29
N GLU B 148 9.86 -39.15 8.04
CA GLU B 148 11.12 -39.40 7.35
C GLU B 148 11.69 -38.08 6.86
N GLU B 149 12.88 -37.75 7.37
CA GLU B 149 13.60 -36.57 6.92
C GLU B 149 14.62 -36.97 5.84
N VAL B 150 14.48 -36.39 4.66
CA VAL B 150 15.47 -36.56 3.61
C VAL B 150 16.75 -35.81 4.04
N LEU B 151 17.85 -36.56 4.14
CA LEU B 151 19.15 -36.04 4.57
C LEU B 151 20.04 -35.64 3.40
N ARG B 152 20.05 -36.47 2.36
CA ARG B 152 20.85 -36.17 1.15
C ARG B 152 20.48 -37.02 -0.06
N ILE B 153 20.90 -36.54 -1.22
CA ILE B 153 20.63 -37.19 -2.50
C ILE B 153 21.97 -37.49 -3.15
N GLU B 154 22.18 -38.73 -3.62
CA GLU B 154 23.42 -39.13 -4.30
C GLU B 154 23.17 -39.58 -5.75
N PRO B 155 24.00 -39.12 -6.69
CA PRO B 155 23.81 -39.58 -8.06
C PRO B 155 24.25 -41.04 -8.15
N MET B 156 23.51 -41.84 -8.91
CA MET B 156 23.91 -43.21 -9.23
C MET B 156 24.45 -43.26 -10.65
N LEU B 157 25.77 -43.43 -10.75
CA LEU B 157 26.48 -43.36 -12.02
C LEU B 157 26.65 -44.69 -12.71
N SER B 158 26.41 -44.70 -14.03
CA SER B 158 26.82 -45.79 -14.93
C SER B 158 27.49 -45.16 -16.14
N ALA B 159 28.77 -45.46 -16.37
CA ALA B 159 29.49 -44.96 -17.55
C ALA B 159 29.49 -43.43 -17.62
N GLY B 160 29.68 -42.80 -16.47
CA GLY B 160 29.69 -41.35 -16.37
C GLY B 160 28.31 -40.68 -16.45
N GLN B 161 27.24 -41.46 -16.66
CA GLN B 161 25.84 -40.92 -16.74
C GLN B 161 25.09 -41.10 -15.43
N VAL B 162 24.29 -40.09 -15.04
CA VAL B 162 23.46 -40.21 -13.85
C VAL B 162 22.14 -40.82 -14.31
N GLU B 163 21.93 -42.10 -13.95
CA GLU B 163 20.75 -42.83 -14.42
C GLU B 163 19.68 -42.90 -13.35
N ALA B 164 20.05 -42.68 -12.10
CA ALA B 164 19.08 -42.69 -11.02
C ALA B 164 19.67 -41.89 -9.88
N LEU B 165 18.85 -41.56 -8.90
CA LEU B 165 19.25 -40.84 -7.71
C LEU B 165 18.97 -41.67 -6.48
N ARG B 166 19.94 -41.72 -5.57
CA ARG B 166 19.71 -42.36 -4.28
C ARG B 166 19.23 -41.30 -3.34
N VAL B 167 18.13 -41.59 -2.67
CA VAL B 167 17.57 -40.68 -1.69
C VAL B 167 17.74 -41.34 -0.35
N ILE B 168 18.47 -40.66 0.53
CA ILE B 168 18.76 -41.14 1.87
C ILE B 168 17.97 -40.37 2.92
N SER B 169 17.18 -41.10 3.70
CA SER B 169 16.36 -40.48 4.72
C SER B 169 16.55 -41.14 6.09
N ARG B 170 16.12 -40.44 7.14
CA ARG B 170 16.16 -40.93 8.51
C ARG B 170 14.73 -41.03 9.06
N ASN B 171 14.38 -42.15 9.69
CA ASN B 171 13.01 -42.31 10.25
C ASN B 171 12.89 -41.97 11.74
N ALA B 172 11.70 -42.19 12.30
CA ALA B 172 11.40 -41.82 13.69
C ALA B 172 12.27 -42.61 14.66
N ASP B 173 12.53 -43.87 14.32
CA ASP B 173 13.45 -44.75 15.07
C ASP B 173 14.93 -44.37 15.00
N GLY B 174 15.30 -43.44 14.12
CA GLY B 174 16.72 -43.08 13.90
C GLY B 174 17.48 -43.89 12.84
N GLU B 175 16.81 -44.87 12.23
CA GLU B 175 17.34 -45.70 11.12
C GLU B 175 17.46 -44.89 9.80
N GLU B 176 18.51 -45.11 9.01
CA GLU B 176 18.57 -44.53 7.65
C GLU B 176 17.97 -45.50 6.65
N LEU B 177 17.14 -44.96 5.76
CA LEU B 177 16.56 -45.69 4.63
C LEU B 177 17.10 -45.13 3.34
N VAL B 178 17.35 -46.04 2.40
CA VAL B 178 17.94 -45.68 1.13
C VAL B 178 17.04 -46.17 0.02
N ARG B 179 16.56 -45.24 -0.81
CA ARG B 179 15.68 -45.56 -1.90
C ARG B 179 16.28 -45.02 -3.19
N THR B 180 15.79 -45.51 -4.31
CA THR B 180 16.28 -45.11 -5.63
C THR B 180 15.13 -44.55 -6.46
N THR B 181 15.42 -43.54 -7.26
CA THR B 181 14.39 -42.88 -8.07
C THR B 181 14.88 -42.32 -9.37
N ARG B 182 13.99 -42.27 -10.36
CA ARG B 182 14.28 -41.69 -11.65
C ARG B 182 14.16 -40.16 -11.68
N ALA B 183 13.48 -39.60 -10.68
CA ALA B 183 13.11 -38.18 -10.69
C ALA B 183 12.86 -37.71 -9.27
N LEU B 184 13.15 -36.43 -9.03
CA LEU B 184 13.03 -35.85 -7.70
C LEU B 184 12.22 -34.54 -7.79
N VAL B 185 11.40 -34.31 -6.79
CA VAL B 185 10.76 -33.00 -6.64
C VAL B 185 11.03 -32.47 -5.23
N VAL B 186 11.70 -31.34 -5.16
CA VAL B 186 12.17 -30.80 -3.91
C VAL B 186 11.20 -29.67 -3.48
N SER B 187 10.38 -29.93 -2.47
CA SER B 187 9.39 -28.94 -1.98
C SER B 187 9.41 -28.85 -0.45
N PRO B 188 10.57 -28.44 0.16
CA PRO B 188 10.72 -28.44 1.61
C PRO B 188 10.27 -27.19 2.34
N GLY B 189 9.73 -26.20 1.64
CA GLY B 189 9.35 -24.96 2.32
C GLY B 189 10.58 -24.12 2.60
N GLY B 190 10.38 -22.98 3.24
CA GLY B 190 11.49 -22.08 3.57
C GLY B 190 12.23 -22.47 4.85
N THR B 191 13.36 -21.81 5.06
CA THR B 191 14.11 -21.99 6.27
C THR B 191 14.01 -20.69 7.10
N PRO B 192 13.85 -20.78 8.44
CA PRO B 192 13.73 -19.58 9.28
C PRO B 192 14.87 -18.56 9.08
N ARG B 193 14.51 -17.27 8.95
CA ARG B 193 15.52 -16.24 8.75
C ARG B 193 15.92 -15.73 10.11
N ILE B 194 17.21 -15.85 10.44
CA ILE B 194 17.69 -15.46 11.76
C ILE B 194 18.60 -14.26 11.55
N PRO B 195 18.25 -13.08 12.15
CA PRO B 195 19.14 -11.92 12.01
C PRO B 195 20.52 -12.25 12.61
N GLN B 196 21.59 -11.82 11.94
CA GLN B 196 22.97 -12.06 12.39
C GLN B 196 23.17 -11.91 13.90
N VAL B 197 22.66 -10.83 14.46
CA VAL B 197 22.82 -10.54 15.89
C VAL B 197 22.25 -11.61 16.88
N PHE B 198 21.35 -12.48 16.42
CA PHE B 198 20.85 -13.59 17.26
C PHE B 198 21.48 -14.96 17.06
N ARG B 199 22.37 -15.08 16.07
CA ARG B 199 22.92 -16.39 15.69
C ARG B 199 23.75 -17.07 16.79
N ALA B 200 24.57 -16.30 17.50
CA ALA B 200 25.30 -16.83 18.68
C ALA B 200 24.36 -17.40 19.76
N LEU B 201 23.07 -17.03 19.72
CA LEU B 201 22.08 -17.52 20.69
C LEU B 201 21.29 -18.76 20.22
N LYS B 202 21.76 -19.37 19.14
CA LYS B 202 21.38 -20.73 18.77
C LYS B 202 21.50 -21.62 20.03
N GLY B 203 20.48 -22.40 20.35
CA GLY B 203 20.62 -23.26 21.52
C GLY B 203 20.28 -22.62 22.86
N ASP B 204 19.99 -21.30 22.89
CA ASP B 204 19.36 -20.70 24.08
C ASP B 204 17.85 -20.76 23.90
N GLY B 205 17.17 -21.51 24.75
CA GLY B 205 15.73 -21.77 24.60
C GLY B 205 14.83 -20.55 24.73
N ARG B 206 15.42 -19.44 25.17
CA ARG B 206 14.67 -18.18 25.37
C ARG B 206 14.50 -17.37 24.08
N VAL B 207 15.28 -17.70 23.04
CA VAL B 207 15.17 -17.04 21.75
C VAL B 207 14.62 -18.06 20.78
N PHE B 208 13.50 -17.76 20.13
CA PHE B 208 12.95 -18.70 19.18
C PHE B 208 12.27 -18.02 18.02
N HIS B 209 12.35 -18.65 16.84
CA HIS B 209 11.69 -18.15 15.66
C HIS B 209 10.18 -18.42 15.76
N HIS B 210 9.37 -17.49 15.23
CA HIS B 210 7.91 -17.66 15.20
C HIS B 210 7.44 -19.03 14.67
N SER B 211 8.19 -19.63 13.74
CA SER B 211 7.88 -20.96 13.20
C SER B 211 7.74 -22.01 14.31
N GLN B 212 8.32 -21.73 15.47
CA GLN B 212 8.26 -22.64 16.63
C GLN B 212 7.43 -22.08 17.80
N TYR B 213 6.62 -21.05 17.52
CA TYR B 213 5.87 -20.33 18.56
C TYR B 213 5.12 -21.19 19.60
N LEU B 214 4.21 -22.07 19.15
CA LEU B 214 3.37 -22.81 20.10
C LEU B 214 4.18 -23.75 20.99
N GLU B 215 5.17 -24.44 20.42
CA GLU B 215 6.02 -25.39 21.17
C GLU B 215 6.83 -24.69 22.28
N HIS B 216 7.35 -23.49 22.00
CA HIS B 216 8.12 -22.74 23.00
C HIS B 216 7.26 -21.99 24.01
N MET B 217 6.06 -21.55 23.60
CA MET B 217 5.16 -20.90 24.55
C MET B 217 4.56 -21.88 25.57
N ALA B 218 4.49 -23.16 25.21
CA ALA B 218 4.05 -24.23 26.15
C ALA B 218 5.04 -24.51 27.30
N LYS B 219 6.33 -24.18 27.12
CA LYS B 219 7.37 -24.38 28.14
C LYS B 219 8.28 -23.15 28.36
N PRO B 227 5.05 -12.58 36.13
CA PRO B 227 5.18 -11.33 35.34
C PRO B 227 6.34 -11.39 34.31
N MET B 228 6.02 -11.44 33.02
CA MET B 228 7.00 -11.74 31.94
C MET B 228 7.14 -10.63 30.87
N LYS B 229 8.35 -10.46 30.34
CA LYS B 229 8.60 -9.48 29.28
C LYS B 229 9.09 -10.21 28.04
N ILE B 230 8.39 -10.03 26.92
CA ILE B 230 8.74 -10.72 25.69
C ILE B 230 8.91 -9.73 24.54
N ALA B 231 10.01 -9.87 23.82
CA ALA B 231 10.30 -9.04 22.67
C ALA B 231 9.91 -9.79 21.41
N ILE B 232 9.25 -9.10 20.50
CA ILE B 232 8.95 -9.67 19.18
C ILE B 232 9.75 -8.85 18.17
N ILE B 233 10.62 -9.50 17.41
CA ILE B 233 11.40 -8.80 16.39
C ILE B 233 10.67 -8.98 15.05
N GLY B 234 10.29 -7.86 14.41
CA GLY B 234 9.59 -7.90 13.13
C GLY B 234 8.32 -7.05 13.13
N GLY B 235 7.83 -6.79 11.92
CA GLY B 235 6.71 -5.88 11.67
C GLY B 235 5.72 -6.41 10.61
N GLY B 236 5.80 -7.70 10.30
CA GLY B 236 4.97 -8.34 9.27
C GLY B 236 3.83 -9.14 9.90
N GLN B 237 3.15 -9.95 9.05
CA GLN B 237 1.98 -10.69 9.51
C GLN B 237 2.27 -11.58 10.75
N SER B 238 3.40 -12.29 10.72
CA SER B 238 3.77 -13.15 11.83
C SER B 238 3.97 -12.37 13.14
N ALA B 239 4.71 -11.27 13.09
CA ALA B 239 4.94 -10.41 14.28
C ALA B 239 3.61 -9.95 14.88
N ALA B 240 2.70 -9.52 14.00
CA ALA B 240 1.38 -9.03 14.36
C ALA B 240 0.56 -10.15 15.02
N GLU B 241 0.61 -11.35 14.45
CA GLU B 241 -0.13 -12.45 15.02
C GLU B 241 0.42 -12.90 16.39
N ALA B 242 1.75 -12.96 16.51
CA ALA B 242 2.41 -13.21 17.79
C ALA B 242 2.02 -12.15 18.82
N PHE B 243 2.06 -10.87 18.42
CA PHE B 243 1.69 -9.81 19.37
C PHE B 243 0.24 -9.99 19.86
N ILE B 244 -0.68 -10.20 18.91
CA ILE B 244 -2.09 -10.34 19.28
C ILE B 244 -2.33 -11.58 20.16
N ASP B 245 -1.65 -12.67 19.82
CA ASP B 245 -1.78 -13.86 20.68
C ASP B 245 -1.28 -13.61 22.11
N LEU B 246 -0.13 -12.94 22.24
CA LEU B 246 0.38 -12.61 23.58
C LEU B 246 -0.59 -11.69 24.31
N ASN B 247 -1.02 -10.62 23.63
CA ASN B 247 -2.00 -9.73 24.20
C ASN B 247 -3.24 -10.46 24.71
N ASP B 248 -3.81 -11.33 23.87
CA ASP B 248 -5.10 -11.96 24.17
C ASP B 248 -5.02 -13.14 25.13
N SER B 249 -3.96 -13.94 25.03
CA SER B 249 -3.91 -15.24 25.75
C SER B 249 -2.97 -15.29 26.97
N TYR B 250 -2.05 -14.33 27.06
CA TYR B 250 -1.04 -14.29 28.14
C TYR B 250 -1.08 -13.00 28.92
N PRO B 251 -2.07 -12.86 29.85
CA PRO B 251 -2.31 -11.56 30.52
C PRO B 251 -1.11 -11.07 31.32
N SER B 252 -0.20 -11.97 31.67
CA SER B 252 1.00 -11.59 32.39
C SER B 252 2.18 -11.17 31.51
N VAL B 253 2.06 -11.36 30.19
CA VAL B 253 3.14 -11.00 29.29
C VAL B 253 3.03 -9.50 28.92
N GLN B 254 4.15 -8.77 29.05
CA GLN B 254 4.29 -7.41 28.52
C GLN B 254 5.08 -7.56 27.23
N ALA B 255 4.46 -7.25 26.09
CA ALA B 255 5.11 -7.51 24.81
C ALA B 255 5.65 -6.22 24.21
N ASP B 256 6.86 -6.27 23.66
CA ASP B 256 7.42 -5.18 22.89
C ASP B 256 7.53 -5.63 21.43
N MET B 257 6.86 -4.91 20.52
CA MET B 257 7.10 -5.12 19.10
C MET B 257 8.31 -4.26 18.72
N ILE B 258 9.34 -4.90 18.22
CA ILE B 258 10.59 -4.18 17.87
C ILE B 258 10.80 -4.32 16.37
N LEU B 259 10.50 -3.25 15.65
CA LEU B 259 10.62 -3.26 14.20
C LEU B 259 11.51 -2.12 13.72
N ARG B 260 12.36 -2.41 12.75
CA ARG B 260 13.27 -1.40 12.19
C ARG B 260 12.53 -0.42 11.29
N ALA B 261 11.42 -0.85 10.68
CA ALA B 261 10.59 0.04 9.83
C ALA B 261 9.76 0.98 10.71
N SER B 262 9.12 2.00 10.12
CA SER B 262 8.51 3.05 10.93
C SER B 262 7.09 2.73 11.44
N ALA B 263 6.43 1.76 10.79
CA ALA B 263 5.00 1.48 11.07
C ALA B 263 4.67 0.06 10.62
N LEU B 264 3.57 -0.48 11.12
CA LEU B 264 2.92 -1.62 10.43
C LEU B 264 2.25 -1.10 9.16
N LYS B 265 2.41 -1.81 8.03
CA LYS B 265 1.86 -1.38 6.72
C LYS B 265 0.92 -2.46 6.19
N PRO B 266 -0.16 -2.04 5.52
CA PRO B 266 -1.20 -2.98 5.12
C PRO B 266 -0.84 -3.79 3.89
N ALA B 267 -1.21 -5.07 3.91
CA ALA B 267 -1.04 -5.95 2.75
C ALA B 267 -1.96 -5.49 1.63
N ASP B 268 -1.44 -5.40 0.41
CA ASP B 268 -2.26 -5.02 -0.73
C ASP B 268 -2.89 -6.25 -1.43
N ASP B 269 -4.19 -6.39 -1.26
CA ASP B 269 -4.96 -7.39 -2.02
C ASP B 269 -6.07 -6.72 -2.83
N SER B 270 -5.90 -5.41 -3.09
CA SER B 270 -6.87 -4.71 -3.94
C SER B 270 -6.91 -5.38 -5.33
N PRO B 271 -8.05 -5.34 -6.03
CA PRO B 271 -8.27 -6.33 -7.09
C PRO B 271 -7.42 -6.19 -8.34
N PHE B 272 -7.07 -4.97 -8.77
CA PHE B 272 -6.20 -4.91 -9.96
C PHE B 272 -4.83 -5.41 -9.57
N VAL B 273 -4.38 -5.00 -8.39
CA VAL B 273 -3.03 -5.36 -7.89
C VAL B 273 -2.96 -6.89 -7.73
N ASN B 274 -4.06 -7.46 -7.25
CA ASN B 274 -4.11 -8.90 -6.95
C ASN B 274 -3.98 -9.80 -8.20
N GLU B 275 -4.13 -9.20 -9.39
CA GLU B 275 -3.86 -9.89 -10.65
C GLU B 275 -2.40 -10.38 -10.80
N VAL B 276 -1.49 -9.83 -10.00
CA VAL B 276 -0.08 -10.27 -10.02
C VAL B 276 0.01 -11.74 -9.50
N PHE B 277 -1.05 -12.23 -8.86
CA PHE B 277 -1.07 -13.64 -8.38
C PHE B 277 -1.73 -14.60 -9.34
N ALA B 278 -2.31 -14.06 -10.41
CA ALA B 278 -3.06 -14.90 -11.37
C ALA B 278 -2.05 -15.82 -12.11
N PRO B 279 -2.50 -17.03 -12.48
CA PRO B 279 -1.65 -17.94 -13.24
C PRO B 279 -1.01 -17.27 -14.46
N LYS B 280 -1.74 -16.39 -15.16
CA LYS B 280 -1.23 -15.64 -16.35
C LYS B 280 0.02 -14.84 -16.06
N PHE B 281 0.14 -14.32 -14.83
CA PHE B 281 1.30 -13.52 -14.48
C PHE B 281 2.55 -14.36 -14.43
N THR B 282 2.43 -15.67 -14.12
CA THR B 282 3.62 -16.53 -14.12
C THR B 282 4.35 -16.47 -15.49
N ASP B 283 3.60 -16.65 -16.57
CA ASP B 283 4.13 -16.59 -17.95
C ASP B 283 4.64 -15.20 -18.27
N LEU B 284 3.94 -14.20 -17.79
CA LEU B 284 4.33 -12.83 -18.01
C LEU B 284 5.73 -12.56 -17.42
N ILE B 285 5.90 -12.78 -16.12
CA ILE B 285 7.17 -12.45 -15.46
C ILE B 285 8.31 -13.35 -15.95
N TYR B 286 7.99 -14.62 -16.22
CA TYR B 286 9.03 -15.50 -16.79
C TYR B 286 9.62 -14.97 -18.13
N SER B 287 8.76 -14.36 -18.96
CA SER B 287 9.14 -13.89 -20.31
C SER B 287 9.95 -12.58 -20.27
N ARG B 288 10.02 -11.95 -19.09
CA ARG B 288 10.73 -10.67 -18.92
C ARG B 288 12.23 -10.83 -18.64
N GLU B 289 13.00 -9.80 -18.99
CA GLU B 289 14.43 -9.76 -18.71
C GLU B 289 14.65 -9.53 -17.23
N HIS B 290 15.85 -9.83 -16.76
CA HIS B 290 16.19 -9.75 -15.34
C HIS B 290 15.84 -8.41 -14.67
N ALA B 291 16.18 -7.30 -15.33
CA ALA B 291 15.96 -5.97 -14.74
C ALA B 291 14.45 -5.69 -14.57
N GLU B 292 13.66 -6.05 -15.58
CA GLU B 292 12.21 -5.89 -15.48
C GLU B 292 11.56 -6.79 -14.42
N ARG B 293 12.00 -8.05 -14.33
CA ARG B 293 11.50 -8.97 -13.31
C ARG B 293 11.70 -8.38 -11.93
N GLU B 294 12.91 -7.85 -11.69
CA GLU B 294 13.25 -7.28 -10.40
C GLU B 294 12.42 -6.05 -10.10
N ARG B 295 12.23 -5.19 -11.11
CA ARG B 295 11.35 -4.00 -10.97
C ARG B 295 9.90 -4.40 -10.58
N LEU B 296 9.33 -5.40 -11.26
CA LEU B 296 7.98 -5.91 -10.95
C LEU B 296 7.87 -6.42 -9.50
N LEU B 297 8.84 -7.27 -9.11
CA LEU B 297 8.91 -7.78 -7.75
C LEU B 297 9.05 -6.70 -6.70
N ARG B 298 9.82 -5.65 -6.98
CA ARG B 298 9.90 -4.53 -6.02
C ARG B 298 8.57 -3.77 -5.96
N GLU B 299 7.99 -3.49 -7.13
CA GLU B 299 6.69 -2.78 -7.25
C GLU B 299 5.59 -3.45 -6.41
N TYR B 300 5.57 -4.78 -6.44
CA TYR B 300 4.48 -5.54 -5.80
C TYR B 300 4.87 -6.21 -4.47
N HIS B 301 6.01 -5.79 -3.91
CA HIS B 301 6.55 -6.35 -2.68
C HIS B 301 5.53 -6.36 -1.57
N ASN B 302 4.78 -5.25 -1.45
CA ASN B 302 3.81 -5.10 -0.34
C ASN B 302 2.49 -5.87 -0.50
N THR B 303 2.41 -6.73 -1.50
CA THR B 303 1.27 -7.67 -1.60
C THR B 303 1.54 -8.91 -0.73
N ASN B 304 2.74 -9.04 -0.34
CA ASN B 304 3.15 -10.26 0.38
C ASN B 304 4.15 -10.15 1.55
N TYR B 305 5.10 -9.19 1.47
CA TYR B 305 6.22 -9.06 2.42
C TYR B 305 6.20 -7.80 3.28
N SER B 306 6.51 -7.98 4.57
CA SER B 306 6.56 -6.92 5.58
C SER B 306 5.24 -6.15 5.64
N VAL B 307 4.13 -6.88 5.56
CA VAL B 307 2.80 -6.26 5.58
C VAL B 307 1.87 -7.08 6.43
N VAL B 308 0.82 -6.42 6.90
CA VAL B 308 -0.08 -7.01 7.89
C VAL B 308 -1.48 -6.83 7.35
N ASP B 309 -2.35 -7.81 7.59
CA ASP B 309 -3.73 -7.65 7.18
C ASP B 309 -4.34 -6.37 7.80
N THR B 310 -5.08 -5.59 7.00
CA THR B 310 -5.52 -4.26 7.51
C THR B 310 -6.33 -4.36 8.80
N ASP B 311 -7.21 -5.36 8.90
CA ASP B 311 -8.03 -5.49 10.11
C ASP B 311 -7.18 -5.81 11.36
N LEU B 312 -6.06 -6.53 11.16
CA LEU B 312 -5.16 -6.82 12.27
C LEU B 312 -4.37 -5.58 12.65
N ILE B 313 -3.98 -4.78 11.66
CA ILE B 313 -3.34 -3.49 11.98
C ILE B 313 -4.29 -2.65 12.88
N GLU B 314 -5.55 -2.55 12.49
CA GLU B 314 -6.52 -1.77 13.27
C GLU B 314 -6.67 -2.31 14.72
N ARG B 315 -6.68 -3.65 14.85
CA ARG B 315 -6.77 -4.27 16.19
C ARG B 315 -5.57 -3.92 17.06
N ILE B 316 -4.38 -4.01 16.48
CA ILE B 316 -3.16 -3.67 17.21
C ILE B 316 -3.10 -2.19 17.58
N TYR B 317 -3.50 -1.33 16.65
CA TYR B 317 -3.57 0.10 16.95
C TYR B 317 -4.50 0.37 18.14
N GLY B 318 -5.65 -0.32 18.13
CA GLY B 318 -6.63 -0.21 19.23
C GLY B 318 -6.08 -0.61 20.59
N VAL B 319 -5.26 -1.67 20.61
CA VAL B 319 -4.62 -2.12 21.85
C VAL B 319 -3.75 -0.97 22.40
N PHE B 320 -2.95 -0.36 21.53
CA PHE B 320 -2.10 0.76 21.96
C PHE B 320 -2.91 2.00 22.30
N TYR B 321 -3.96 2.28 21.55
CA TYR B 321 -4.87 3.38 21.85
C TYR B 321 -5.46 3.23 23.27
N ARG B 322 -5.98 2.02 23.57
CA ARG B 322 -6.56 1.77 24.89
C ARG B 322 -5.58 1.91 26.06
N GLN B 323 -4.29 1.69 25.81
CA GLN B 323 -3.24 2.02 26.81
C GLN B 323 -3.16 3.50 27.13
N LYS B 324 -3.41 4.36 26.12
CA LYS B 324 -3.46 5.80 26.36
C LYS B 324 -4.68 6.16 27.16
N VAL B 325 -5.79 5.47 26.91
CA VAL B 325 -7.00 5.66 27.69
C VAL B 325 -6.81 5.32 29.18
N SER B 326 -6.25 4.15 29.46
CA SER B 326 -6.14 3.61 30.83
C SER B 326 -4.89 4.11 31.57
N GLY B 327 -3.91 4.58 30.80
CA GLY B 327 -2.59 4.94 31.36
C GLY B 327 -1.77 3.75 31.88
N ILE B 328 -2.06 2.54 31.40
CA ILE B 328 -1.34 1.33 31.81
C ILE B 328 -0.50 0.81 30.63
N PRO B 329 0.81 1.11 30.62
CA PRO B 329 1.56 0.78 29.43
C PRO B 329 2.12 -0.65 29.46
N ARG B 330 1.24 -1.63 29.31
CA ARG B 330 1.61 -3.04 29.28
C ARG B 330 2.62 -3.34 28.16
N HIS B 331 2.23 -2.99 26.93
CA HIS B 331 3.01 -3.27 25.72
C HIS B 331 3.72 -2.03 25.22
N ALA B 332 4.74 -2.21 24.40
CA ALA B 332 5.42 -1.10 23.73
C ALA B 332 5.52 -1.35 22.23
N PHE B 333 5.30 -0.29 21.46
CA PHE B 333 5.46 -0.34 20.01
C PHE B 333 6.75 0.38 19.70
N ARG B 334 7.84 -0.38 19.55
CA ARG B 334 9.17 0.18 19.33
C ARG B 334 9.50 0.18 17.85
N CYS B 335 8.91 1.10 17.10
CA CYS B 335 9.22 1.22 15.67
C CYS B 335 10.57 1.91 15.52
N MET B 336 11.12 1.89 14.30
CA MET B 336 12.41 2.52 14.06
C MET B 336 13.54 2.00 14.94
N THR B 337 13.41 0.76 15.44
CA THR B 337 14.34 0.24 16.45
C THR B 337 15.04 -1.00 15.90
N THR B 338 16.37 -1.02 16.03
CA THR B 338 17.24 -2.13 15.59
C THR B 338 17.95 -2.78 16.79
N VAL B 339 18.02 -4.12 16.80
CA VAL B 339 18.80 -4.83 17.81
C VAL B 339 20.26 -4.77 17.40
N GLU B 340 21.09 -4.05 18.17
CA GLU B 340 22.55 -3.95 17.83
C GLU B 340 23.40 -5.05 18.47
N ARG B 341 22.94 -5.58 19.60
CA ARG B 341 23.63 -6.62 20.33
C ARG B 341 22.57 -7.40 21.08
N ALA B 342 22.71 -8.73 21.13
CA ALA B 342 21.84 -9.58 21.95
C ALA B 342 22.71 -10.56 22.74
N THR B 343 22.57 -10.56 24.07
CA THR B 343 23.44 -11.39 24.93
C THR B 343 22.67 -12.13 26.02
N ALA B 344 23.04 -13.38 26.25
CA ALA B 344 22.46 -14.16 27.34
C ALA B 344 23.04 -13.70 28.67
N THR B 345 22.17 -13.46 29.64
CA THR B 345 22.55 -13.17 31.01
C THR B 345 21.67 -14.05 31.91
N ALA B 346 21.94 -14.10 33.21
CA ALA B 346 21.15 -14.95 34.11
C ALA B 346 19.73 -14.43 34.27
N GLN B 347 19.54 -13.11 34.14
CA GLN B 347 18.21 -12.47 34.24
C GLN B 347 17.32 -12.64 33.00
N GLY B 348 17.94 -12.89 31.84
CA GLY B 348 17.21 -13.02 30.59
C GLY B 348 18.04 -12.64 29.38
N ILE B 349 17.38 -12.32 28.27
CA ILE B 349 18.09 -11.93 27.05
C ILE B 349 18.19 -10.40 27.01
N GLU B 350 19.42 -9.91 26.99
CA GLU B 350 19.68 -8.49 27.03
C GLU B 350 19.83 -7.93 25.63
N LEU B 351 18.97 -6.96 25.29
CA LEU B 351 18.98 -6.37 23.95
C LEU B 351 19.49 -4.95 23.95
N ALA B 352 20.47 -4.67 23.08
CA ALA B 352 20.91 -3.30 22.84
C ALA B 352 20.08 -2.73 21.69
N LEU B 353 19.19 -1.80 22.02
CA LEU B 353 18.21 -1.24 21.09
C LEU B 353 18.53 0.18 20.65
N ARG B 354 18.80 0.35 19.35
CA ARG B 354 19.05 1.64 18.72
C ARG B 354 17.76 2.20 18.08
N ASP B 355 17.29 3.32 18.65
CA ASP B 355 16.16 4.07 18.13
C ASP B 355 16.69 5.03 17.05
N ALA B 356 16.43 4.73 15.78
CA ALA B 356 16.81 5.66 14.69
C ALA B 356 16.04 6.98 14.81
N GLY B 357 16.59 8.04 14.24
CA GLY B 357 15.90 9.34 14.34
C GLY B 357 16.08 10.09 15.66
N SER B 358 16.03 9.39 16.80
CA SER B 358 16.54 9.96 18.07
C SER B 358 18.02 9.63 18.24
N GLY B 359 18.49 8.54 17.61
CA GLY B 359 19.90 8.12 17.64
C GLY B 359 20.36 7.38 18.90
N GLU B 360 19.47 7.28 19.90
CA GLU B 360 19.81 6.75 21.23
C GLU B 360 19.88 5.23 21.30
N LEU B 361 20.79 4.72 22.14
CA LEU B 361 20.99 3.30 22.39
C LEU B 361 20.43 3.05 23.77
N SER B 362 19.51 2.11 23.90
CA SER B 362 19.02 1.73 25.24
C SER B 362 19.11 0.21 25.45
N VAL B 363 19.03 -0.20 26.71
CA VAL B 363 19.19 -1.61 27.08
C VAL B 363 17.92 -2.09 27.79
N GLU B 364 17.41 -3.24 27.35
CA GLU B 364 16.22 -3.85 27.92
C GLU B 364 16.48 -5.34 28.01
N THR B 365 16.00 -5.94 29.08
CA THR B 365 16.15 -7.37 29.28
C THR B 365 14.78 -8.03 29.16
N TYR B 366 14.72 -9.13 28.42
CA TYR B 366 13.46 -9.86 28.22
C TYR B 366 13.59 -11.31 28.68
N ASP B 367 12.48 -11.89 29.11
CA ASP B 367 12.39 -13.32 29.44
C ASP B 367 12.43 -14.21 28.20
N ALA B 368 12.02 -13.67 27.06
CA ALA B 368 12.03 -14.42 25.80
C ALA B 368 12.05 -13.43 24.64
N VAL B 369 12.58 -13.88 23.51
CA VAL B 369 12.60 -13.12 22.26
C VAL B 369 12.03 -14.01 21.14
N ILE B 370 10.99 -13.50 20.48
CA ILE B 370 10.40 -14.14 19.30
C ILE B 370 10.91 -13.46 18.04
N LEU B 371 11.53 -14.24 17.16
CA LEU B 371 12.01 -13.75 15.89
C LEU B 371 10.92 -14.02 14.88
N ALA B 372 10.19 -12.95 14.55
CA ALA B 372 9.12 -13.06 13.57
C ALA B 372 9.64 -12.47 12.27
N THR B 373 10.74 -13.05 11.83
CA THR B 373 11.60 -12.46 10.83
C THR B 373 11.53 -13.18 9.45
N GLY B 374 10.55 -14.06 9.26
CA GLY B 374 10.29 -14.62 7.92
C GLY B 374 11.26 -15.75 7.56
N TYR B 375 11.41 -16.01 6.26
CA TYR B 375 12.03 -17.27 5.80
C TYR B 375 12.90 -16.94 4.63
N GLU B 376 13.95 -17.72 4.45
CA GLU B 376 14.73 -17.72 3.21
C GLU B 376 14.37 -18.96 2.35
N ARG B 377 14.48 -18.77 1.04
CA ARG B 377 14.27 -19.82 0.06
C ARG B 377 15.60 -20.00 -0.69
N GLN B 378 16.41 -20.93 -0.19
CA GLN B 378 17.78 -21.16 -0.69
C GLN B 378 17.84 -22.48 -1.46
N LEU B 379 17.87 -22.39 -2.78
CA LEU B 379 17.74 -23.56 -3.65
C LEU B 379 18.98 -24.48 -3.59
N HIS B 380 20.17 -23.88 -3.71
CA HIS B 380 21.43 -24.64 -3.73
C HIS B 380 22.02 -24.80 -2.31
N ARG B 381 21.57 -25.86 -1.62
CA ARG B 381 21.86 -26.14 -0.21
C ARG B 381 22.73 -27.39 -0.13
N GLN B 382 22.77 -27.99 1.06
CA GLN B 382 23.35 -29.32 1.28
C GLN B 382 22.58 -30.45 0.53
N LEU B 383 21.26 -30.30 0.39
CA LEU B 383 20.45 -31.31 -0.33
C LEU B 383 20.93 -31.60 -1.75
N LEU B 384 21.04 -30.55 -2.57
CA LEU B 384 21.44 -30.68 -3.97
C LEU B 384 22.97 -30.59 -4.23
N GLU B 385 23.74 -30.43 -3.15
CA GLU B 385 25.22 -30.36 -3.19
C GLU B 385 25.91 -31.47 -4.02
N PRO B 386 25.60 -32.77 -3.75
CA PRO B 386 26.22 -33.81 -4.60
C PRO B 386 25.83 -33.75 -6.08
N LEU B 387 24.82 -32.96 -6.42
CA LEU B 387 24.44 -32.78 -7.83
C LEU B 387 25.05 -31.53 -8.49
N ALA B 388 25.80 -30.73 -7.71
CA ALA B 388 26.34 -29.41 -8.18
C ALA B 388 27.05 -29.48 -9.53
N GLU B 389 27.87 -30.51 -9.73
CA GLU B 389 28.64 -30.60 -10.96
C GLU B 389 27.80 -30.84 -12.21
N TYR B 390 26.56 -31.31 -12.01
CA TYR B 390 25.60 -31.60 -13.10
C TYR B 390 24.61 -30.46 -13.38
N LEU B 391 24.45 -29.58 -12.41
CA LEU B 391 23.46 -28.49 -12.48
C LEU B 391 23.97 -27.28 -13.27
N GLY B 392 23.33 -27.02 -14.42
CA GLY B 392 23.69 -25.89 -15.30
C GLY B 392 23.51 -24.52 -14.68
N ASP B 393 24.24 -23.54 -15.23
CA ASP B 393 24.12 -22.12 -14.82
C ASP B 393 22.81 -21.42 -15.22
N HIS B 394 22.10 -21.94 -16.21
CA HIS B 394 20.82 -21.37 -16.64
C HIS B 394 19.80 -21.52 -15.50
N GLU B 395 18.93 -20.52 -15.36
CA GLU B 395 17.87 -20.59 -14.35
C GLU B 395 16.89 -21.76 -14.58
N ILE B 396 16.16 -22.10 -13.50
CA ILE B 396 15.04 -23.06 -13.54
C ILE B 396 14.16 -22.88 -14.78
N GLY B 397 13.70 -23.99 -15.35
CA GLY B 397 12.81 -23.98 -16.49
C GLY B 397 11.44 -23.40 -16.12
N ARG B 398 10.69 -22.98 -17.13
CA ARG B 398 9.29 -22.55 -16.96
C ARG B 398 8.54 -23.66 -16.21
N ASP B 399 8.87 -24.92 -16.53
CA ASP B 399 8.21 -26.11 -15.95
C ASP B 399 8.77 -26.57 -14.62
N TYR B 400 9.57 -25.71 -13.99
CA TYR B 400 10.15 -25.88 -12.66
C TYR B 400 11.21 -26.98 -12.63
N ARG B 401 11.69 -27.36 -13.81
CA ARG B 401 12.79 -28.36 -13.91
C ARG B 401 14.15 -27.66 -13.87
N LEU B 402 15.05 -28.13 -13.01
CA LEU B 402 16.42 -27.61 -12.94
C LEU B 402 17.20 -28.03 -14.19
N GLN B 403 17.97 -27.09 -14.76
CA GLN B 403 18.76 -27.39 -15.97
C GLN B 403 19.91 -28.29 -15.53
N THR B 404 20.12 -29.37 -16.27
CA THR B 404 21.29 -30.23 -16.03
C THR B 404 22.07 -30.49 -17.31
N ASP B 405 23.34 -30.93 -17.16
CA ASP B 405 24.10 -31.57 -18.25
C ASP B 405 23.37 -32.70 -18.91
N GLU B 406 23.74 -32.97 -20.15
CA GLU B 406 23.30 -34.15 -20.86
C GLU B 406 23.67 -35.49 -20.16
N ARG B 407 24.72 -35.47 -19.33
CA ARG B 407 25.15 -36.60 -18.46
C ARG B 407 24.09 -37.05 -17.44
N CYS B 408 23.29 -36.07 -16.99
CA CYS B 408 22.30 -36.31 -15.95
C CYS B 408 20.97 -36.63 -16.63
N LYS B 409 20.58 -37.91 -16.57
CA LYS B 409 19.38 -38.38 -17.27
C LYS B 409 18.13 -38.23 -16.41
N VAL B 410 18.35 -38.03 -15.11
CA VAL B 410 17.29 -37.90 -14.11
C VAL B 410 16.71 -36.48 -14.14
N ALA B 411 15.43 -36.34 -13.83
CA ALA B 411 14.80 -35.01 -13.82
C ALA B 411 14.66 -34.53 -12.39
N ILE B 412 15.02 -33.27 -12.14
CA ILE B 412 14.91 -32.68 -10.82
C ILE B 412 14.03 -31.44 -10.94
N TYR B 413 12.99 -31.39 -10.11
CA TYR B 413 12.07 -30.24 -10.01
C TYR B 413 12.17 -29.62 -8.64
N ALA B 414 11.82 -28.33 -8.55
CA ALA B 414 11.77 -27.68 -7.26
C ALA B 414 10.53 -26.77 -7.22
N GLN B 415 9.88 -26.73 -6.06
CA GLN B 415 8.69 -25.88 -5.82
C GLN B 415 8.93 -24.92 -4.66
N GLY B 416 8.62 -23.64 -4.91
CA GLY B 416 8.73 -22.63 -3.85
C GLY B 416 10.05 -21.89 -3.87
N PHE B 417 10.91 -22.22 -4.86
CA PHE B 417 12.27 -21.65 -4.89
C PHE B 417 12.51 -20.72 -6.08
N SER B 418 11.45 -20.34 -6.79
CA SER B 418 11.62 -19.65 -8.06
C SER B 418 10.80 -18.33 -8.19
N GLN B 419 10.62 -17.66 -7.06
CA GLN B 419 9.98 -16.32 -7.07
C GLN B 419 10.65 -15.35 -8.08
N ALA B 420 11.98 -15.37 -8.14
CA ALA B 420 12.74 -14.47 -9.06
C ALA B 420 12.29 -14.56 -10.50
N SER B 421 11.93 -15.76 -10.96
CA SER B 421 11.53 -15.96 -12.33
C SER B 421 10.05 -16.19 -12.51
N HIS B 422 9.35 -16.63 -11.47
CA HIS B 422 7.94 -17.07 -11.66
C HIS B 422 6.94 -16.19 -10.93
N GLY B 423 7.44 -15.30 -10.08
CA GLY B 423 6.60 -14.27 -9.50
C GLY B 423 6.18 -14.50 -8.07
N LEU B 424 5.41 -13.55 -7.56
CA LEU B 424 5.03 -13.56 -6.13
C LEU B 424 4.13 -14.71 -5.71
N SER B 425 3.49 -15.40 -6.66
CA SER B 425 2.66 -16.55 -6.28
C SER B 425 3.52 -17.75 -5.87
N ASP B 426 4.81 -17.69 -6.21
CA ASP B 426 5.71 -18.86 -6.08
C ASP B 426 5.76 -19.55 -4.72
N THR B 427 5.85 -18.77 -3.63
CA THR B 427 5.94 -19.33 -2.29
C THR B 427 4.60 -19.51 -1.57
N LEU B 428 3.50 -19.32 -2.29
CA LEU B 428 2.16 -19.24 -1.70
C LEU B 428 1.27 -20.40 -2.18
N LEU B 429 0.00 -20.39 -1.76
CA LEU B 429 -0.98 -21.32 -2.30
C LEU B 429 -1.50 -20.90 -3.69
N SER B 430 -1.22 -19.64 -4.09
CA SER B 430 -1.94 -18.98 -5.20
C SER B 430 -2.08 -19.72 -6.52
N VAL B 431 -1.00 -20.39 -6.95
CA VAL B 431 -1.06 -21.10 -8.24
C VAL B 431 -0.81 -22.62 -8.18
N LEU B 432 -0.91 -23.21 -7.01
CA LEU B 432 -0.64 -24.66 -6.84
C LEU B 432 -1.37 -25.54 -7.86
N PRO B 433 -2.68 -25.28 -8.14
CA PRO B 433 -3.36 -26.24 -9.06
C PRO B 433 -2.76 -26.23 -10.50
N VAL B 434 -2.29 -25.07 -10.91
CA VAL B 434 -1.71 -24.87 -12.23
C VAL B 434 -0.25 -25.38 -12.20
N ARG B 435 0.50 -25.01 -11.17
CA ARG B 435 1.88 -25.51 -11.08
C ARG B 435 1.90 -27.05 -11.04
N ALA B 436 0.98 -27.63 -10.27
CA ALA B 436 0.89 -29.09 -10.19
C ALA B 436 0.61 -29.73 -11.56
N GLU B 437 -0.27 -29.12 -12.33
CA GLU B 437 -0.56 -29.63 -13.70
C GLU B 437 0.70 -29.51 -14.57
N GLU B 438 1.48 -28.44 -14.39
CA GLU B 438 2.64 -28.20 -15.29
C GLU B 438 3.82 -29.14 -14.98
N ILE B 439 4.09 -29.34 -13.71
CA ILE B 439 5.11 -30.27 -13.25
C ILE B 439 4.74 -31.74 -13.56
N SER B 440 3.50 -32.12 -13.29
CA SER B 440 3.05 -33.46 -13.62
C SER B 440 3.12 -33.71 -15.14
N GLY B 441 2.71 -32.75 -15.97
CA GLY B 441 2.80 -32.91 -17.40
C GLY B 441 4.27 -33.05 -17.87
N SER B 442 5.13 -32.27 -17.25
CA SER B 442 6.57 -32.31 -17.57
C SER B 442 7.19 -33.66 -17.20
N LEU B 443 6.79 -34.17 -16.04
CA LEU B 443 7.33 -35.39 -15.50
C LEU B 443 6.98 -36.57 -16.41
N TYR B 444 5.70 -36.64 -16.79
CA TYR B 444 5.24 -37.65 -17.74
C TYR B 444 5.96 -37.56 -19.10
N GLN B 445 6.14 -36.34 -19.62
CA GLN B 445 6.89 -36.18 -20.86
C GLN B 445 8.33 -36.71 -20.71
N HIS B 446 8.97 -36.43 -19.57
CA HIS B 446 10.31 -36.92 -19.25
C HIS B 446 10.40 -38.44 -19.15
N LEU B 447 9.46 -39.03 -18.42
CA LEU B 447 9.45 -40.47 -18.15
C LEU B 447 8.88 -41.38 -19.25
N LYS B 448 8.07 -40.81 -20.15
CA LYS B 448 7.40 -41.55 -21.24
C LYS B 448 7.64 -40.80 -22.55
N PRO B 449 8.89 -40.85 -23.10
CA PRO B 449 9.28 -39.97 -24.21
C PRO B 449 9.03 -40.55 -25.62
PA FAD C . -7.66 26.11 -2.17
O1A FAD C . -7.19 25.62 -3.49
O2A FAD C . -8.85 25.35 -1.57
O5B FAD C . -8.09 27.67 -2.29
C5B FAD C . -7.27 28.56 -3.01
C4B FAD C . -8.15 29.77 -3.28
O4B FAD C . -7.35 30.75 -3.88
C3B FAD C . -9.24 29.43 -4.30
O3B FAD C . -10.51 29.68 -3.74
C2B FAD C . -8.94 30.33 -5.50
O2B FAD C . -10.12 30.92 -6.04
C1B FAD C . -8.10 31.41 -4.88
N9A FAD C . -7.11 32.02 -5.75
C8A FAD C . -6.14 31.38 -6.52
N7A FAD C . -5.37 32.36 -7.11
C5A FAD C . -5.84 33.56 -6.70
C6A FAD C . -5.44 34.87 -6.98
N6A FAD C . -4.28 35.11 -7.60
N1A FAD C . -6.15 35.92 -6.39
C2A FAD C . -7.22 35.71 -5.54
N3A FAD C . -7.61 34.40 -5.25
C4A FAD C . -6.93 33.36 -5.83
N1 FAD C . -7.85 17.65 1.01
C2 FAD C . -8.30 16.87 2.06
O2 FAD C . -7.77 16.93 3.15
N3 FAD C . -9.37 16.01 1.89
C4 FAD C . -10.02 15.91 0.68
O4 FAD C . -11.01 15.16 0.59
C4X FAD C . -9.55 16.68 -0.40
N5 FAD C . -10.17 16.59 -1.63
C5X FAD C . -9.70 17.34 -2.70
C6 FAD C . -10.33 17.23 -3.95
C7 FAD C . -9.88 17.97 -5.03
C7M FAD C . -10.61 17.80 -6.34
C8 FAD C . -8.77 18.80 -4.88
C8M FAD C . -8.24 19.63 -6.01
C9 FAD C . -8.14 18.91 -3.64
C9A FAD C . -8.60 18.20 -2.53
N10 FAD C . -7.97 18.29 -1.29
C10 FAD C . -8.44 17.52 -0.23
C1' FAD C . -6.77 19.15 -1.07
C2' FAD C . -7.05 20.67 -1.04
O2' FAD C . -5.81 21.26 -1.46
C3' FAD C . -7.38 21.11 0.38
O3' FAD C . -8.52 20.39 0.91
C4' FAD C . -7.72 22.61 0.46
O4' FAD C . -8.66 22.93 -0.55
C5' FAD C . -6.48 23.55 0.41
O5' FAD C . -6.92 24.83 0.85
P FAD C . -6.23 26.22 0.34
O1P FAD C . -7.10 27.30 0.91
O2P FAD C . -4.79 26.16 0.76
O3P FAD C . -6.36 26.14 -1.24
P PO4 D . -11.99 47.74 0.54
O1 PO4 D . -12.17 47.47 2.02
O2 PO4 D . -10.51 47.86 0.28
O3 PO4 D . -12.74 49.01 0.19
O4 PO4 D . -12.59 46.63 -0.32
C ONH E . -5.50 12.33 7.03
N ONH E . -5.29 10.37 5.56
O ONH E . -6.16 11.55 7.76
CA ONH E . -5.10 11.84 5.67
CB ONH E . -5.88 12.62 4.59
CD ONH E . -6.15 12.94 2.17
NE ONH E . -5.64 12.47 0.90
CG ONH E . -5.38 12.17 3.22
OZ ONH E . -6.44 12.66 -0.21
OXT ONH E . -5.14 13.50 7.36
PA NAP F . -2.38 12.69 -8.13
O1A NAP F . -2.52 11.76 -6.99
O2A NAP F . -1.16 13.47 -8.12
O5B NAP F . -2.65 11.83 -9.44
C5B NAP F . -2.06 12.28 -10.60
C4B NAP F . -2.30 11.17 -11.59
O4B NAP F . -1.93 11.72 -12.81
C3B NAP F . -1.38 9.96 -11.30
O3B NAP F . -2.08 8.83 -11.77
C2B NAP F . -0.20 10.30 -12.24
O2B NAP F . 0.41 9.14 -12.71
C1B NAP F . -0.91 10.97 -13.43
N9A NAP F . 0.05 11.82 -14.16
C8A NAP F . 0.71 12.94 -13.68
N7A NAP F . 1.52 13.43 -14.64
C5A NAP F . 1.41 12.63 -15.71
C6A NAP F . 2.02 12.65 -16.97
N6A NAP F . 2.92 13.58 -17.26
N1A NAP F . 1.69 11.68 -17.87
C2A NAP F . 0.79 10.70 -17.60
N3A NAP F . 0.16 10.67 -16.36
C4A NAP F . 0.49 11.62 -15.43
O3 NAP F . -3.67 13.65 -8.27
PN NAP F . -5.26 13.45 -7.98
O1N NAP F . -5.91 14.72 -8.48
O2N NAP F . -5.80 12.15 -8.50
O5D NAP F . -5.18 13.48 -6.37
C5D NAP F . -5.79 12.65 -5.40
C4D NAP F . -5.99 13.67 -4.28
O4D NAP F . -7.11 13.46 -3.46
C3D NAP F . -4.87 13.83 -3.28
O3D NAP F . -3.66 14.26 -3.87
C2D NAP F . -5.54 14.83 -2.32
O2D NAP F . -5.32 16.22 -2.59
C1D NAP F . -7.04 14.54 -2.52
P2B NAP F . 1.82 8.57 -12.15
O1X NAP F . 2.24 7.64 -13.28
O2X NAP F . 1.43 7.88 -10.85
O3X NAP F . 2.75 9.72 -11.88
P PO4 G . 10.56 40.54 12.30
O1 PO4 G . 9.24 39.87 12.70
O2 PO4 G . 10.36 41.31 11.01
O3 PO4 G . 10.99 41.46 13.41
O4 PO4 G . 11.64 39.49 12.10
PA FAD H . 5.52 -26.26 3.14
O1A FAD H . 6.50 -25.50 3.93
O2A FAD H . 4.07 -26.07 3.51
O5B FAD H . 5.81 -27.85 3.29
C5B FAD H . 7.14 -28.32 3.30
C4B FAD H . 7.08 -29.72 3.95
O4B FAD H . 8.37 -30.24 3.78
C3B FAD H . 6.85 -29.60 5.45
O3B FAD H . 5.69 -30.35 5.75
C2B FAD H . 8.13 -30.11 6.11
O2B FAD H . 7.88 -31.00 7.19
C1B FAD H . 8.76 -30.88 4.98
N9A FAD H . 10.23 -30.96 4.97
C8A FAD H . 11.15 -29.91 4.99
N7A FAD H . 12.39 -30.45 4.88
C5A FAD H . 12.25 -31.82 4.74
C6A FAD H . 13.18 -32.85 4.60
N6A FAD H . 14.49 -32.60 4.61
N1A FAD H . 12.71 -34.14 4.51
C2A FAD H . 11.37 -34.46 4.54
N3A FAD H . 10.46 -33.44 4.70
C4A FAD H . 10.90 -32.15 4.80
N1 FAD H . 0.34 -18.97 1.78
C2 FAD H . -0.90 -18.58 1.30
O2 FAD H . -1.11 -18.60 0.11
N3 FAD H . -1.87 -18.16 2.19
C4 FAD H . -1.63 -18.11 3.56
O4 FAD H . -2.54 -17.77 4.35
C4X FAD H . -0.38 -18.51 4.05
N5 FAD H . -0.11 -18.47 5.42
C5X FAD H . 1.15 -18.87 5.86
C6 FAD H . 1.46 -18.86 7.22
C7 FAD H . 2.72 -19.26 7.65
C7M FAD H . 3.03 -19.21 9.11
C8 FAD H . 3.69 -19.65 6.72
C8M FAD H . 5.08 -20.08 7.11
C9 FAD H . 3.40 -19.67 5.36
C9A FAD H . 2.12 -19.29 4.93
N10 FAD H . 1.85 -19.29 3.57
C10 FAD H . 0.59 -18.92 3.14
C1' FAD H . 2.89 -19.69 2.53
C2' FAD H . 3.19 -21.20 2.48
O2' FAD H . 4.56 -21.29 2.05
C3' FAD H . 2.28 -21.92 1.48
O3' FAD H . 0.93 -21.80 1.92
C4' FAD H . 2.54 -23.44 1.51
O4' FAD H . 2.74 -23.90 2.85
C5' FAD H . 3.72 -23.89 0.62
O5' FAD H . 3.65 -25.32 0.57
P FAD H . 4.98 -26.20 0.34
O1P FAD H . 4.50 -27.63 0.25
O2P FAD H . 5.76 -25.67 -0.85
O3P FAD H . 5.85 -25.87 1.64
PA NAP I . 7.95 -11.18 6.13
O1A NAP I . 9.09 -11.45 5.27
O2A NAP I . 6.82 -10.55 5.42
O5B NAP I . 8.28 -10.23 7.37
C5B NAP I . 9.50 -10.36 8.01
C4B NAP I . 9.54 -9.29 9.07
O4B NAP I . 10.78 -9.54 9.70
C3B NAP I . 9.61 -7.88 8.45
O3B NAP I . 9.02 -6.99 9.34
C2B NAP I . 11.11 -7.65 8.38
O2B NAP I . 11.44 -6.29 8.52
C1B NAP I . 11.62 -8.44 9.59
N9A NAP I . 13.06 -8.80 9.42
C8A NAP I . 13.66 -9.64 8.52
N7A NAP I . 15.03 -9.60 8.73
C5A NAP I . 15.26 -8.78 9.76
C6A NAP I . 16.43 -8.34 10.37
N6A NAP I . 17.61 -8.81 9.93
N1A NAP I . 16.35 -7.44 11.41
C2A NAP I . 15.15 -6.94 11.84
N3A NAP I . 13.97 -7.36 11.22
C4A NAP I . 14.04 -8.25 10.20
O3 NAP I . 7.55 -12.51 6.96
PN NAP I . 6.18 -13.01 7.66
O1N NAP I . 5.20 -13.00 6.54
O2N NAP I . 6.51 -14.32 8.28
O5D NAP I . 5.67 -11.99 8.80
P2B NAP I . 11.79 -5.32 7.30
O1X NAP I . 12.41 -4.13 8.01
O2X NAP I . 10.50 -5.00 6.58
O3X NAP I . 12.75 -6.06 6.37
P PO4 J . 14.53 -35.16 -21.23
O1 PO4 J . 13.23 -35.07 -20.45
O2 PO4 J . 15.73 -35.09 -20.31
O3 PO4 J . 14.56 -34.05 -22.25
O4 PO4 J . 14.57 -36.50 -21.95
C ONH K . -3.62 -14.13 -3.64
N ONH K . -3.22 -12.03 -2.37
O ONH K . -4.82 -13.75 -3.74
CA ONH K . -2.67 -13.35 -2.76
CB ONH K . -2.25 -14.14 -1.53
CD ONH K . -0.90 -14.18 0.55
NE ONH K . 0.02 -13.45 1.37
CG ONH K . -1.25 -13.37 -0.68
OZ ONH K . 0.34 -14.03 2.62
OXT ONH K . -3.21 -15.15 -4.29
#